data_6RBJ
#
_entry.id   6RBJ
#
_cell.length_a   56.929
_cell.length_b   93.754
_cell.length_c   90.494
_cell.angle_alpha   90.000
_cell.angle_beta   107.290
_cell.angle_gamma   90.000
#
_symmetry.space_group_name_H-M   'P 1 21 1'
#
loop_
_entity.id
_entity.type
_entity.pdbx_description
1 polymer 'Lysine-specific demethylase 3B'
2 non-polymer 1,2-ETHANEDIOL
3 non-polymer 5-(1~{H}-1,2,3,4-tetrazol-5-yl)quinolin-8-ol
4 non-polymer 'MANGANESE (II) ION'
5 non-polymer 'CHLORIDE ION'
6 water water
#
_entity_poly.entity_id   1
_entity_poly.type   'polypeptide(L)'
_entity_poly.pdbx_seq_one_letter_code
;SMTSHSWLCDGRLLCLHDPSNKNNWKIFRECWKQGQPVLVSGVHKKLKSELWKPEAFSQEFGDQDVDLVNCRNCAIISDV
KVRDFWDGFEIICKRLRSEDGQPMVLKLKDWPPGEDFRDMMPTRFEDLMENLPLPEYTKRDGRLNLASRLPSYFVRPDLG
PKMYNAYGLITAEDRRVGTTNLHLDVSDAVNVMVYVGIPIGEGAHDEEVLKTIDEGDADEVTKQRIHDGKEKPGALWHIY
AAKDAEKIRELLRKVGEEQGQENPPDHDPIHDQSWYLDQTLRKRLYEEYGVQGWAIVQFLGDAVFIPAGAPHQVHNLYSC
IKVAEDFVSPEHVKHCFRLTQEFRHLSNTHT
;
_entity_poly.pdbx_strand_id   A,B
#
# COMPACT_ATOMS: atom_id res chain seq x y z
N SER A 1 8.11 -36.46 24.94
CA SER A 1 8.72 -37.15 23.81
C SER A 1 9.93 -37.96 24.26
N MET A 2 10.20 -39.06 23.54
CA MET A 2 11.32 -39.93 23.90
C MET A 2 12.64 -39.18 23.79
N THR A 3 12.86 -38.48 22.68
CA THR A 3 14.06 -37.68 22.45
C THR A 3 13.68 -36.22 22.25
N SER A 4 14.63 -35.34 22.49
CA SER A 4 14.36 -33.92 22.45
C SER A 4 14.25 -33.38 21.02
N HIS A 5 14.96 -33.98 20.07
CA HIS A 5 14.92 -33.46 18.70
C HIS A 5 15.55 -34.49 17.78
N SER A 6 15.38 -34.25 16.49
CA SER A 6 16.02 -35.03 15.45
C SER A 6 16.28 -34.09 14.27
N TRP A 7 16.78 -34.64 13.17
CA TRP A 7 17.16 -33.85 12.00
C TRP A 7 16.48 -34.43 10.76
N LEU A 8 15.71 -33.58 10.07
CA LEU A 8 15.09 -33.96 8.81
C LEU A 8 15.88 -33.38 7.65
N CYS A 9 15.35 -33.56 6.43
CA CYS A 9 16.03 -33.12 5.23
C CYS A 9 17.48 -33.58 5.21
N ASP A 10 17.70 -34.84 5.57
CA ASP A 10 19.03 -35.45 5.54
C ASP A 10 20.02 -34.69 6.42
N GLY A 11 19.56 -34.25 7.59
CA GLY A 11 20.39 -33.56 8.54
C GLY A 11 20.31 -32.05 8.49
N ARG A 12 19.65 -31.47 7.49
CA ARG A 12 19.68 -30.03 7.27
C ARG A 12 18.53 -29.27 7.93
N LEU A 13 17.59 -29.95 8.59
CA LEU A 13 16.43 -29.30 9.19
C LEU A 13 16.25 -29.78 10.62
N LEU A 14 16.26 -28.85 11.57
CA LEU A 14 15.99 -29.18 12.96
C LEU A 14 14.51 -29.52 13.15
N CYS A 15 14.24 -30.61 13.86
CA CYS A 15 12.89 -31.00 14.22
C CYS A 15 12.82 -31.19 15.73
N LEU A 16 12.15 -30.28 16.43
CA LEU A 16 11.93 -30.40 17.86
C LEU A 16 10.70 -31.25 18.13
N HIS A 17 10.77 -32.10 19.16
CA HIS A 17 9.76 -33.12 19.40
C HIS A 17 8.75 -32.77 20.48
N ASP A 18 9.07 -31.84 21.38
CA ASP A 18 8.18 -31.46 22.47
C ASP A 18 7.90 -29.98 22.36
N PRO A 19 6.70 -29.56 21.94
CA PRO A 19 6.48 -28.13 21.65
C PRO A 19 6.54 -27.22 22.87
N SER A 20 6.34 -27.75 24.07
CA SER A 20 6.32 -26.94 25.28
C SER A 20 7.58 -27.09 26.13
N ASN A 21 8.63 -27.73 25.61
CA ASN A 21 9.83 -27.94 26.41
C ASN A 21 10.58 -26.63 26.59
N LYS A 22 10.86 -26.27 27.84
CA LYS A 22 11.42 -24.96 28.16
C LYS A 22 12.86 -24.79 27.74
N ASN A 23 13.52 -25.85 27.28
CA ASN A 23 14.91 -25.77 26.82
C ASN A 23 15.03 -25.73 25.30
N ASN A 24 13.91 -25.67 24.58
CA ASN A 24 13.96 -25.71 23.12
C ASN A 24 14.76 -24.56 22.54
N TRP A 25 14.75 -23.39 23.20
CA TRP A 25 15.38 -22.21 22.66
C TRP A 25 16.87 -22.42 22.42
N LYS A 26 17.53 -23.25 23.24
CA LYS A 26 18.97 -23.41 23.12
C LYS A 26 19.36 -23.94 21.75
N ILE A 27 18.76 -25.04 21.33
CA ILE A 27 19.08 -25.58 20.01
C ILE A 27 18.38 -24.80 18.90
N PHE A 28 17.26 -24.15 19.19
CA PHE A 28 16.54 -23.41 18.17
C PHE A 28 17.34 -22.22 17.69
N ARG A 29 17.88 -21.41 18.60
CA ARG A 29 18.56 -20.19 18.19
C ARG A 29 19.86 -20.49 17.46
N GLU A 30 20.47 -21.64 17.75
CA GLU A 30 21.66 -22.05 17.01
C GLU A 30 21.36 -22.18 15.52
N CYS A 31 20.21 -22.78 15.17
CA CYS A 31 19.82 -22.93 13.78
C CYS A 31 19.10 -21.70 13.23
N TRP A 32 18.31 -21.03 14.08
CA TRP A 32 17.59 -19.84 13.64
C TRP A 32 18.57 -18.75 13.20
N LYS A 33 19.68 -18.59 13.91
CA LYS A 33 20.61 -17.52 13.56
C LYS A 33 21.29 -17.76 12.22
N GLN A 34 21.26 -18.99 11.71
CA GLN A 34 21.85 -19.30 10.42
C GLN A 34 20.89 -19.09 9.26
N GLY A 35 19.67 -18.62 9.54
CA GLY A 35 18.69 -18.43 8.48
C GLY A 35 17.97 -19.68 8.05
N GLN A 36 17.97 -20.75 8.89
CA GLN A 36 17.32 -22.00 8.58
C GLN A 36 15.89 -22.01 9.09
N PRO A 37 14.96 -22.65 8.38
CA PRO A 37 13.67 -22.95 8.97
C PRO A 37 13.81 -24.03 10.03
N VAL A 38 12.77 -24.15 10.86
CA VAL A 38 12.73 -25.12 11.94
C VAL A 38 11.33 -25.70 12.01
N LEU A 39 11.25 -26.98 12.35
CA LEU A 39 9.98 -27.67 12.50
C LEU A 39 9.82 -28.12 13.96
N VAL A 40 8.62 -27.96 14.49
CA VAL A 40 8.27 -28.45 15.82
C VAL A 40 7.03 -29.31 15.69
N SER A 41 7.13 -30.56 16.13
CA SER A 41 6.02 -31.50 16.02
C SER A 41 5.28 -31.61 17.35
N GLY A 42 4.06 -32.14 17.27
CA GLY A 42 3.29 -32.48 18.44
C GLY A 42 2.37 -31.41 18.98
N VAL A 43 2.18 -30.30 18.24
CA VAL A 43 1.37 -29.22 18.78
C VAL A 43 -0.09 -29.63 18.87
N HIS A 44 -0.56 -30.50 17.97
CA HIS A 44 -1.97 -30.91 17.97
C HIS A 44 -2.35 -31.64 19.25
N LYS A 45 -1.38 -32.28 19.90
CA LYS A 45 -1.65 -32.94 21.18
C LYS A 45 -1.88 -31.96 22.31
N LYS A 46 -1.58 -30.68 22.11
CA LYS A 46 -1.79 -29.65 23.12
C LYS A 46 -3.11 -28.90 22.94
N LEU A 47 -3.77 -29.05 21.81
CA LEU A 47 -4.97 -28.30 21.49
C LEU A 47 -6.23 -29.11 21.76
N LYS A 48 -7.35 -28.41 21.91
CA LYS A 48 -8.66 -29.04 22.00
C LYS A 48 -9.13 -29.37 20.59
N SER A 49 -9.12 -30.65 20.23
CA SER A 49 -9.34 -31.02 18.84
C SER A 49 -10.72 -30.60 18.35
N GLU A 50 -11.72 -30.58 19.22
CA GLU A 50 -13.07 -30.26 18.77
C GLU A 50 -13.19 -28.82 18.28
N LEU A 51 -12.26 -27.95 18.64
CA LEU A 51 -12.30 -26.56 18.19
C LEU A 51 -11.80 -26.38 16.77
N TRP A 52 -11.19 -27.40 16.17
CA TRP A 52 -10.52 -27.26 14.88
C TRP A 52 -11.09 -28.22 13.85
N LYS A 53 -12.41 -28.42 13.89
CA LYS A 53 -13.10 -29.29 12.95
C LYS A 53 -13.79 -28.46 11.87
N PRO A 54 -13.71 -28.84 10.59
CA PRO A 54 -14.42 -28.07 9.57
C PRO A 54 -15.92 -28.03 9.76
N GLU A 55 -16.53 -29.10 10.26
CA GLU A 55 -17.98 -29.07 10.50
C GLU A 55 -18.35 -28.01 11.53
N ALA A 56 -17.49 -27.82 12.54
CA ALA A 56 -17.79 -26.83 13.57
C ALA A 56 -17.74 -25.41 13.01
N PHE A 57 -16.77 -25.13 12.14
CA PHE A 57 -16.68 -23.80 11.54
C PHE A 57 -17.91 -23.51 10.68
N SER A 58 -18.37 -24.51 9.92
CA SER A 58 -19.54 -24.29 9.08
C SER A 58 -20.78 -24.01 9.91
N GLN A 59 -20.93 -24.68 11.06
CA GLN A 59 -22.13 -24.50 11.87
C GLN A 59 -22.15 -23.14 12.55
N GLU A 60 -21.00 -22.68 13.05
CA GLU A 60 -20.93 -21.45 13.83
C GLU A 60 -20.80 -20.20 12.98
N PHE A 61 -20.23 -20.31 11.78
CA PHE A 61 -19.93 -19.14 10.96
C PHE A 61 -20.38 -19.30 9.51
N GLY A 62 -21.20 -20.31 9.20
CA GLY A 62 -21.49 -20.63 7.81
C GLY A 62 -22.17 -19.52 7.03
N ASP A 63 -22.82 -18.59 7.71
CA ASP A 63 -23.63 -17.56 7.06
C ASP A 63 -22.83 -16.30 6.73
N GLN A 64 -21.52 -16.30 6.95
CA GLN A 64 -20.70 -15.15 6.58
C GLN A 64 -20.33 -15.20 5.10
N ASP A 65 -20.21 -14.03 4.50
CA ASP A 65 -19.84 -13.90 3.10
C ASP A 65 -18.33 -13.80 2.96
N VAL A 66 -17.78 -14.50 1.96
CA VAL A 66 -16.34 -14.57 1.73
C VAL A 66 -16.08 -14.64 0.24
N ASP A 67 -14.80 -14.53 -0.12
CA ASP A 67 -14.30 -14.79 -1.46
C ASP A 67 -13.44 -16.04 -1.45
N LEU A 68 -13.55 -16.84 -2.50
CA LEU A 68 -12.75 -18.03 -2.67
C LEU A 68 -11.85 -17.89 -3.90
N VAL A 69 -10.76 -18.63 -3.90
CA VAL A 69 -9.81 -18.64 -5.01
C VAL A 69 -9.76 -20.04 -5.59
N ASN A 70 -9.91 -20.13 -6.92
CA ASN A 70 -9.70 -21.37 -7.65
C ASN A 70 -8.19 -21.56 -7.82
N CYS A 71 -7.61 -22.50 -7.08
CA CYS A 71 -6.17 -22.66 -7.08
C CYS A 71 -5.61 -23.07 -8.44
N ARG A 72 -6.44 -23.65 -9.31
CA ARG A 72 -5.92 -24.11 -10.60
C ARG A 72 -5.72 -22.98 -11.59
N ASN A 73 -6.55 -21.94 -11.53
CA ASN A 73 -6.45 -20.83 -12.48
C ASN A 73 -6.46 -19.46 -11.81
N CYS A 74 -6.45 -19.40 -10.48
CA CYS A 74 -6.42 -18.16 -9.71
C CYS A 74 -7.70 -17.32 -9.87
N ALA A 75 -8.71 -17.84 -10.57
CA ALA A 75 -9.97 -17.11 -10.64
C ALA A 75 -10.55 -16.92 -9.25
N ILE A 76 -11.26 -15.82 -9.07
CA ILE A 76 -11.87 -15.49 -7.79
C ILE A 76 -13.36 -15.78 -7.87
N ILE A 77 -13.85 -16.55 -6.90
CA ILE A 77 -15.28 -16.78 -6.72
C ILE A 77 -15.75 -15.79 -5.65
N SER A 78 -16.54 -14.81 -6.06
CA SER A 78 -16.84 -13.64 -5.24
C SER A 78 -18.17 -13.81 -4.50
N ASP A 79 -18.18 -13.39 -3.24
CA ASP A 79 -19.42 -13.17 -2.48
C ASP A 79 -20.27 -14.44 -2.40
N VAL A 80 -19.68 -15.48 -1.82
CA VAL A 80 -20.39 -16.71 -1.51
C VAL A 80 -20.42 -16.88 0.01
N LYS A 81 -21.27 -17.80 0.47
CA LYS A 81 -21.32 -18.12 1.87
C LYS A 81 -20.19 -19.07 2.22
N VAL A 82 -19.61 -18.89 3.41
CA VAL A 82 -18.45 -19.70 3.75
C VAL A 82 -18.83 -21.17 3.91
N ARG A 83 -20.09 -21.47 4.22
CA ARG A 83 -20.50 -22.87 4.27
C ARG A 83 -20.36 -23.54 2.91
N ASP A 84 -20.44 -22.76 1.82
CA ASP A 84 -20.17 -23.31 0.50
C ASP A 84 -18.75 -23.86 0.40
N PHE A 85 -17.82 -23.29 1.17
CA PHE A 85 -16.45 -23.80 1.18
C PHE A 85 -16.33 -24.99 2.12
N TRP A 86 -16.82 -24.85 3.36
CA TRP A 86 -16.60 -25.89 4.37
C TRP A 86 -17.35 -27.17 4.03
N ASP A 87 -18.58 -27.06 3.49
CA ASP A 87 -19.38 -28.26 3.25
C ASP A 87 -18.71 -29.18 2.23
N GLY A 88 -17.88 -28.64 1.35
CA GLY A 88 -17.11 -29.44 0.42
C GLY A 88 -15.70 -29.76 0.87
N PHE A 89 -15.35 -29.44 2.13
CA PHE A 89 -13.97 -29.61 2.59
C PHE A 89 -13.49 -31.04 2.41
N GLU A 90 -14.33 -32.02 2.75
CA GLU A 90 -13.96 -33.43 2.67
C GLU A 90 -14.84 -34.25 1.74
N ILE A 91 -16.05 -33.79 1.41
CA ILE A 91 -16.92 -34.47 0.47
C ILE A 91 -16.75 -33.78 -0.88
N ILE A 92 -16.13 -34.48 -1.83
CA ILE A 92 -15.74 -33.85 -3.09
C ILE A 92 -16.98 -33.44 -3.90
N CYS A 93 -18.01 -34.31 -3.93
CA CYS A 93 -19.14 -34.01 -4.80
C CYS A 93 -20.00 -32.87 -4.29
N LYS A 94 -19.72 -32.35 -3.09
CA LYS A 94 -20.38 -31.15 -2.58
C LYS A 94 -19.64 -29.87 -2.94
N ARG A 95 -18.54 -29.97 -3.68
CA ARG A 95 -17.72 -28.81 -3.99
C ARG A 95 -18.28 -28.06 -5.20
N LEU A 96 -18.11 -26.74 -5.17
CA LEU A 96 -18.45 -25.93 -6.34
C LEU A 96 -17.66 -26.41 -7.55
N ARG A 97 -18.29 -26.36 -8.72
CA ARG A 97 -17.70 -26.89 -9.94
C ARG A 97 -17.35 -25.76 -10.90
N SER A 98 -16.29 -25.98 -11.68
CA SER A 98 -15.84 -25.02 -12.66
C SER A 98 -16.60 -25.18 -13.97
N GLU A 99 -16.33 -24.27 -14.92
CA GLU A 99 -17.05 -24.27 -16.19
C GLU A 99 -16.91 -25.61 -16.91
N ASP A 100 -15.80 -26.30 -16.70
CA ASP A 100 -15.58 -27.60 -17.32
C ASP A 100 -16.24 -28.75 -16.56
N GLY A 101 -16.98 -28.46 -15.49
CA GLY A 101 -17.71 -29.49 -14.78
C GLY A 101 -16.93 -30.24 -13.72
N GLN A 102 -15.67 -29.91 -13.50
CA GLN A 102 -14.94 -30.62 -12.46
C GLN A 102 -15.07 -29.90 -11.12
N PRO A 103 -14.99 -30.63 -10.01
CA PRO A 103 -14.98 -29.96 -8.70
C PRO A 103 -13.70 -29.15 -8.51
N MET A 104 -13.84 -27.96 -7.95
CA MET A 104 -12.73 -27.03 -7.88
C MET A 104 -11.89 -27.27 -6.62
N VAL A 105 -10.60 -27.02 -6.75
CA VAL A 105 -9.70 -26.91 -5.60
C VAL A 105 -9.72 -25.46 -5.16
N LEU A 106 -10.26 -25.21 -3.96
CA LEU A 106 -10.56 -23.85 -3.53
C LEU A 106 -9.74 -23.49 -2.30
N LYS A 107 -9.32 -22.23 -2.26
CA LYS A 107 -8.68 -21.65 -1.09
C LYS A 107 -9.62 -20.59 -0.52
N LEU A 108 -9.84 -20.63 0.79
CA LEU A 108 -10.67 -19.63 1.45
C LEU A 108 -9.86 -18.36 1.67
N LYS A 109 -10.31 -17.26 1.10
CA LYS A 109 -9.54 -16.03 1.04
C LYS A 109 -9.87 -15.16 2.26
N ASP A 110 -8.90 -15.05 3.18
CA ASP A 110 -8.86 -13.97 4.17
C ASP A 110 -9.99 -14.13 5.18
N TRP A 111 -10.00 -15.26 5.89
CA TRP A 111 -11.07 -15.57 6.83
C TRP A 111 -10.46 -16.26 8.05
N PRO A 112 -10.69 -15.77 9.27
CA PRO A 112 -11.36 -14.50 9.60
C PRO A 112 -10.64 -13.32 8.96
N PRO A 113 -11.38 -12.26 8.63
CA PRO A 113 -10.81 -11.18 7.83
C PRO A 113 -9.92 -10.25 8.65
N GLY A 114 -8.85 -9.78 8.00
CA GLY A 114 -7.95 -8.81 8.62
C GLY A 114 -7.40 -9.28 9.96
N GLU A 115 -7.67 -8.50 11.00
CA GLU A 115 -7.21 -8.79 12.36
C GLU A 115 -8.32 -9.32 13.25
N ASP A 116 -9.41 -9.81 12.66
CA ASP A 116 -10.61 -10.15 13.41
C ASP A 116 -10.57 -11.54 14.03
N PHE A 117 -9.50 -12.30 13.88
CA PHE A 117 -9.46 -13.66 14.40
C PHE A 117 -9.86 -13.68 15.87
N ARG A 118 -9.21 -12.87 16.71
CA ARG A 118 -9.46 -12.91 18.14
C ARG A 118 -10.90 -12.53 18.46
N ASP A 119 -11.42 -11.49 17.80
CA ASP A 119 -12.78 -11.04 18.08
C ASP A 119 -13.81 -12.08 17.67
N MET A 120 -13.59 -12.75 16.54
CA MET A 120 -14.57 -13.70 16.04
C MET A 120 -14.48 -15.05 16.75
N MET A 121 -13.27 -15.49 17.10
CA MET A 121 -13.04 -16.83 17.65
C MET A 121 -12.22 -16.74 18.92
N PRO A 122 -12.79 -16.20 20.00
CA PRO A 122 -11.98 -16.00 21.21
C PRO A 122 -11.43 -17.29 21.78
N THR A 123 -12.22 -18.37 21.79
CA THR A 123 -11.78 -19.61 22.41
C THR A 123 -10.70 -20.29 21.58
N ARG A 124 -10.82 -20.23 20.24
CA ARG A 124 -9.75 -20.74 19.38
C ARG A 124 -8.47 -19.91 19.53
N PHE A 125 -8.62 -18.59 19.67
CA PHE A 125 -7.45 -17.73 19.86
C PHE A 125 -6.67 -18.16 21.11
N GLU A 126 -7.37 -18.30 22.24
CA GLU A 126 -6.70 -18.73 23.47
C GLU A 126 -6.09 -20.11 23.31
N ASP A 127 -6.81 -21.05 22.71
CA ASP A 127 -6.32 -22.41 22.59
C ASP A 127 -4.99 -22.45 21.84
N LEU A 128 -4.86 -21.65 20.78
CA LEU A 128 -3.62 -21.66 20.00
C LEU A 128 -2.53 -20.83 20.65
N MET A 129 -2.82 -19.57 20.95
CA MET A 129 -1.77 -18.65 21.37
C MET A 129 -1.11 -19.09 22.67
N GLU A 130 -1.84 -19.85 23.50
CA GLU A 130 -1.25 -20.36 24.73
C GLU A 130 -0.41 -21.62 24.51
N ASN A 131 -0.45 -22.21 23.31
CA ASN A 131 0.26 -23.45 23.04
C ASN A 131 1.24 -23.31 21.88
N LEU A 132 1.59 -22.08 21.51
CA LEU A 132 2.58 -21.91 20.47
C LEU A 132 3.97 -22.29 21.00
N PRO A 133 4.76 -23.04 20.23
CA PRO A 133 6.12 -23.34 20.67
C PRO A 133 7.01 -22.11 20.63
N LEU A 134 8.15 -22.22 21.32
CA LEU A 134 9.10 -21.14 21.48
C LEU A 134 8.41 -19.82 21.83
N PRO A 135 7.73 -19.76 22.97
CA PRO A 135 6.85 -18.62 23.25
C PRO A 135 7.58 -17.29 23.42
N GLU A 136 8.85 -17.28 23.84
CA GLU A 136 9.54 -16.01 23.96
C GLU A 136 9.73 -15.34 22.60
N TYR A 137 9.72 -16.12 21.52
CA TYR A 137 9.76 -15.56 20.17
C TYR A 137 8.36 -15.27 19.63
N THR A 138 7.40 -16.18 19.85
CA THR A 138 6.16 -16.18 19.10
C THR A 138 5.02 -15.45 19.79
N LYS A 139 5.01 -15.38 21.12
CA LYS A 139 3.92 -14.70 21.81
C LYS A 139 4.03 -13.18 21.59
N ARG A 140 2.86 -12.53 21.56
CA ARG A 140 2.80 -11.10 21.26
C ARG A 140 3.76 -10.30 22.15
N ASP A 141 3.83 -10.64 23.43
CA ASP A 141 4.68 -9.94 24.38
C ASP A 141 5.89 -10.76 24.79
N GLY A 142 6.31 -11.71 23.95
CA GLY A 142 7.48 -12.49 24.28
C GLY A 142 8.73 -11.63 24.31
N ARG A 143 9.63 -11.96 25.24
CA ARG A 143 10.80 -11.13 25.47
C ARG A 143 11.66 -10.99 24.22
N LEU A 144 11.66 -11.99 23.34
CA LEU A 144 12.45 -11.96 22.12
C LEU A 144 11.62 -11.66 20.89
N ASN A 145 10.43 -11.12 21.06
CA ASN A 145 9.59 -10.68 19.96
C ASN A 145 9.61 -9.15 19.94
N LEU A 146 10.29 -8.57 18.95
CA LEU A 146 10.40 -7.12 18.85
C LEU A 146 9.20 -6.48 18.16
N ALA A 147 8.18 -7.27 17.80
CA ALA A 147 7.06 -6.75 17.03
C ALA A 147 6.52 -5.45 17.62
N SER A 148 6.26 -5.45 18.93
CA SER A 148 5.65 -4.31 19.59
C SER A 148 6.67 -3.35 20.17
N ARG A 149 7.94 -3.49 19.82
CA ARG A 149 9.01 -2.71 20.43
C ARG A 149 9.84 -1.92 19.42
N LEU A 150 9.39 -1.84 18.16
CA LEU A 150 10.21 -1.21 17.14
C LEU A 150 9.59 0.10 16.67
N PRO A 151 10.42 1.11 16.35
CA PRO A 151 9.87 2.37 15.82
C PRO A 151 9.39 2.23 14.39
N SER A 152 8.83 3.31 13.84
CA SER A 152 8.25 3.27 12.50
C SER A 152 9.28 3.07 11.41
N TYR A 153 10.57 3.10 11.73
CA TYR A 153 11.61 2.78 10.75
C TYR A 153 11.62 1.30 10.37
N PHE A 154 10.81 0.47 11.00
CA PHE A 154 10.69 -0.94 10.67
C PHE A 154 9.25 -1.26 10.26
N VAL A 155 9.11 -2.17 9.32
CA VAL A 155 7.80 -2.68 8.92
C VAL A 155 7.34 -3.63 10.01
N ARG A 156 6.21 -3.32 10.64
CA ARG A 156 5.73 -4.10 11.77
C ARG A 156 4.49 -4.90 11.39
N PRO A 157 4.41 -6.17 11.76
CA PRO A 157 3.30 -7.02 11.29
C PRO A 157 1.99 -6.69 11.99
N ASP A 158 0.90 -7.01 11.30
CA ASP A 158 -0.43 -6.81 11.87
C ASP A 158 -0.66 -7.80 13.00
N LEU A 159 -1.70 -7.52 13.79
CA LEU A 159 -1.94 -8.28 15.01
C LEU A 159 -2.69 -9.58 14.70
N GLY A 160 -2.56 -10.52 15.64
CA GLY A 160 -3.40 -11.69 15.67
C GLY A 160 -3.00 -12.74 14.66
N PRO A 161 -3.36 -13.99 14.93
CA PRO A 161 -3.06 -15.05 13.97
C PRO A 161 -3.95 -14.93 12.73
N LYS A 162 -3.51 -15.58 11.66
CA LYS A 162 -4.31 -15.78 10.47
C LYS A 162 -4.64 -17.25 10.32
N MET A 163 -5.79 -17.55 9.74
CA MET A 163 -6.19 -18.92 9.44
C MET A 163 -6.10 -19.13 7.94
N TYR A 164 -5.51 -20.24 7.53
CA TYR A 164 -5.34 -20.56 6.12
C TYR A 164 -6.03 -21.88 5.83
N ASN A 165 -7.12 -21.82 5.07
CA ASN A 165 -7.95 -22.98 4.78
C ASN A 165 -7.99 -23.19 3.27
N ALA A 166 -7.66 -24.40 2.83
CA ALA A 166 -7.72 -24.69 1.40
C ALA A 166 -7.89 -26.20 1.20
N TYR A 167 -8.57 -26.56 0.12
CA TYR A 167 -8.69 -27.95 -0.28
C TYR A 167 -7.33 -28.49 -0.69
N GLY A 168 -7.21 -29.82 -0.69
CA GLY A 168 -6.00 -30.46 -1.16
C GLY A 168 -6.00 -30.57 -2.68
N LEU A 169 -4.82 -30.43 -3.27
CA LEU A 169 -4.67 -30.64 -4.70
C LEU A 169 -4.68 -32.13 -5.01
N ILE A 170 -5.13 -32.48 -6.22
CA ILE A 170 -5.58 -33.84 -6.49
C ILE A 170 -4.81 -34.51 -7.63
N THR A 171 -4.85 -33.90 -8.82
CA THR A 171 -4.44 -34.59 -10.03
C THR A 171 -2.93 -34.48 -10.25
N ALA A 172 -2.47 -35.11 -11.33
CA ALA A 172 -1.06 -35.03 -11.71
C ALA A 172 -0.70 -33.64 -12.22
N GLU A 173 -1.62 -33.00 -12.94
CA GLU A 173 -1.40 -31.63 -13.39
C GLU A 173 -1.44 -30.65 -12.23
N ASP A 174 -2.16 -30.98 -11.16
CA ASP A 174 -2.15 -30.15 -9.96
C ASP A 174 -0.78 -30.12 -9.31
N ARG A 175 0.08 -31.08 -9.63
CA ARG A 175 1.41 -31.13 -9.04
C ARG A 175 2.24 -29.90 -9.37
N ARG A 176 1.92 -29.19 -10.45
CA ARG A 176 2.61 -27.97 -10.84
C ARG A 176 1.95 -26.72 -10.27
N VAL A 177 0.99 -26.88 -9.38
CA VAL A 177 0.21 -25.77 -8.84
C VAL A 177 0.52 -25.65 -7.36
N GLY A 178 0.39 -24.42 -6.84
CA GLY A 178 0.58 -24.16 -5.43
C GLY A 178 -0.71 -23.75 -4.74
N THR A 179 -0.81 -24.07 -3.46
CA THR A 179 -1.86 -23.48 -2.62
C THR A 179 -1.53 -22.01 -2.37
N THR A 180 -0.30 -21.74 -1.98
CA THR A 180 0.23 -20.38 -1.88
C THR A 180 1.53 -20.34 -2.65
N ASN A 181 1.64 -19.39 -3.58
CA ASN A 181 2.77 -19.32 -4.48
C ASN A 181 4.01 -18.78 -3.77
N LEU A 182 5.14 -18.92 -4.45
CA LEU A 182 6.41 -18.50 -3.90
C LEU A 182 6.38 -17.00 -3.59
N HIS A 183 6.77 -16.65 -2.37
CA HIS A 183 6.88 -15.26 -1.95
C HIS A 183 7.76 -15.23 -0.72
N LEU A 184 8.06 -14.02 -0.25
CA LEU A 184 8.77 -13.85 1.00
C LEU A 184 8.07 -12.82 1.86
N ASP A 185 8.37 -12.85 3.15
CA ASP A 185 7.80 -11.92 4.12
C ASP A 185 8.92 -11.22 4.87
N VAL A 186 8.63 -10.02 5.34
CA VAL A 186 9.64 -9.21 6.02
C VAL A 186 9.77 -9.54 7.50
N SER A 187 8.83 -10.29 8.05
CA SER A 187 8.91 -10.73 9.44
C SER A 187 9.00 -12.25 9.48
N ASP A 188 9.29 -12.76 10.66
CA ASP A 188 9.27 -14.19 10.89
C ASP A 188 7.82 -14.65 11.05
N ALA A 189 7.60 -15.96 10.88
CA ALA A 189 6.27 -16.51 11.08
C ALA A 189 6.38 -17.95 11.54
N VAL A 190 5.39 -18.37 12.33
CA VAL A 190 5.19 -19.77 12.68
C VAL A 190 3.82 -20.17 12.15
N ASN A 191 3.76 -21.34 11.51
CA ASN A 191 2.56 -21.83 10.83
C ASN A 191 2.25 -23.23 11.36
N VAL A 192 1.09 -23.37 11.99
CA VAL A 192 0.74 -24.60 12.71
C VAL A 192 -0.38 -25.32 11.97
N MET A 193 -0.18 -26.62 11.72
CA MET A 193 -1.18 -27.46 11.08
C MET A 193 -2.11 -28.01 12.17
N VAL A 194 -3.36 -27.57 12.18
CA VAL A 194 -4.30 -27.94 13.24
C VAL A 194 -5.32 -28.97 12.79
N TYR A 195 -5.48 -29.20 11.49
CA TYR A 195 -6.42 -30.20 11.01
C TYR A 195 -6.03 -30.62 9.59
N VAL A 196 -6.09 -31.92 9.34
CA VAL A 196 -5.92 -32.48 8.01
C VAL A 196 -7.07 -33.44 7.75
N GLY A 197 -7.75 -33.26 6.62
CA GLY A 197 -8.85 -34.13 6.24
C GLY A 197 -8.44 -35.16 5.21
N ILE A 198 -8.38 -36.42 5.60
CA ILE A 198 -7.93 -37.50 4.72
C ILE A 198 -9.08 -38.45 4.43
N PRO A 199 -9.88 -38.21 3.37
CA PRO A 199 -10.92 -39.13 2.94
C PRO A 199 -10.39 -40.54 2.69
N HIS A 205 -6.10 -41.24 -5.43
CA HIS A 205 -5.51 -40.00 -4.96
C HIS A 205 -4.37 -40.29 -3.99
N ASP A 206 -4.58 -41.27 -3.12
CA ASP A 206 -3.53 -41.67 -2.18
C ASP A 206 -2.24 -42.02 -2.90
N GLU A 207 -2.33 -42.57 -4.10
CA GLU A 207 -1.12 -42.87 -4.87
C GLU A 207 -0.44 -41.59 -5.35
N GLU A 208 -1.22 -40.62 -5.82
CA GLU A 208 -0.63 -39.37 -6.31
C GLU A 208 -0.04 -38.53 -5.18
N VAL A 209 -0.54 -38.70 -3.96
CA VAL A 209 0.01 -37.98 -2.82
C VAL A 209 1.44 -38.44 -2.55
N LEU A 210 1.64 -39.75 -2.48
CA LEU A 210 2.99 -40.28 -2.26
C LEU A 210 3.92 -39.89 -3.41
N LYS A 211 3.40 -39.92 -4.64
CA LYS A 211 4.21 -39.48 -5.78
C LYS A 211 4.56 -38.00 -5.65
N THR A 212 3.59 -37.16 -5.28
CA THR A 212 3.84 -35.74 -5.10
C THR A 212 4.92 -35.51 -4.04
N ILE A 213 4.82 -36.23 -2.92
CA ILE A 213 5.84 -36.11 -1.88
C ILE A 213 7.19 -36.54 -2.42
N ASP A 214 7.22 -37.61 -3.22
CA ASP A 214 8.50 -38.10 -3.73
C ASP A 214 9.11 -37.12 -4.72
N GLU A 215 8.32 -36.65 -5.69
CA GLU A 215 8.84 -35.70 -6.66
C GLU A 215 9.16 -34.36 -6.00
N GLY A 216 8.49 -34.03 -4.91
CA GLY A 216 8.83 -32.84 -4.15
C GLY A 216 10.18 -32.91 -3.45
N ASP A 217 10.81 -34.09 -3.44
CA ASP A 217 12.16 -34.30 -2.91
C ASP A 217 12.15 -34.44 -1.39
N ALA A 218 11.11 -35.04 -0.84
CA ALA A 218 11.08 -35.33 0.58
C ALA A 218 12.12 -36.39 0.93
N ASP A 219 12.70 -36.26 2.11
CA ASP A 219 13.71 -37.22 2.56
C ASP A 219 13.03 -38.50 3.06
N GLU A 220 13.84 -39.53 3.29
CA GLU A 220 13.31 -40.84 3.61
C GLU A 220 12.76 -40.90 5.04
N VAL A 221 13.35 -40.16 5.98
CA VAL A 221 12.80 -40.13 7.32
C VAL A 221 11.40 -39.53 7.30
N THR A 222 11.19 -38.48 6.50
CA THR A 222 9.86 -37.91 6.35
C THR A 222 8.87 -38.94 5.83
N LYS A 223 9.26 -39.70 4.81
CA LYS A 223 8.37 -40.73 4.27
C LYS A 223 8.04 -41.79 5.30
N GLN A 224 8.97 -42.05 6.24
CA GLN A 224 8.71 -43.03 7.29
C GLN A 224 7.69 -42.53 8.31
N ARG A 225 7.51 -41.22 8.45
CA ARG A 225 6.45 -40.71 9.30
C ARG A 225 5.07 -41.14 8.80
N ILE A 226 4.93 -41.37 7.49
CA ILE A 226 3.68 -41.86 6.93
C ILE A 226 3.53 -43.36 7.17
N HIS A 227 4.49 -44.14 6.68
CA HIS A 227 4.31 -45.59 6.59
C HIS A 227 4.60 -46.30 7.90
N ASP A 228 5.47 -45.77 8.73
CA ASP A 228 5.74 -46.34 10.04
C ASP A 228 5.02 -45.58 11.16
N GLY A 229 5.13 -44.26 11.17
CA GLY A 229 4.47 -43.46 12.19
C GLY A 229 2.97 -43.31 12.00
N LYS A 230 2.47 -43.58 10.81
CA LYS A 230 1.04 -43.47 10.51
C LYS A 230 0.51 -42.06 10.74
N GLU A 231 1.34 -41.05 10.49
CA GLU A 231 0.94 -39.65 10.65
C GLU A 231 0.29 -39.13 9.36
N LYS A 232 -0.54 -38.09 9.52
CA LYS A 232 -1.32 -37.55 8.43
C LYS A 232 -0.58 -36.38 7.78
N PRO A 233 -0.12 -36.52 6.54
CA PRO A 233 0.60 -35.40 5.89
C PRO A 233 -0.38 -34.38 5.34
N GLY A 234 -0.13 -33.10 5.61
CA GLY A 234 -1.04 -32.06 5.20
C GLY A 234 -0.59 -31.27 3.98
N ALA A 235 0.64 -30.77 4.01
CA ALA A 235 1.09 -29.86 2.97
C ALA A 235 2.57 -30.06 2.70
N LEU A 236 2.96 -29.77 1.47
CA LEU A 236 4.36 -29.84 1.04
C LEU A 236 4.89 -28.42 0.86
N TRP A 237 5.92 -28.09 1.63
CA TRP A 237 6.57 -26.79 1.60
C TRP A 237 7.90 -26.89 0.86
N HIS A 238 8.25 -25.81 0.18
CA HIS A 238 9.63 -25.60 -0.26
C HIS A 238 10.06 -24.24 0.26
N ILE A 239 11.15 -24.22 1.02
CA ILE A 239 11.67 -23.00 1.63
C ILE A 239 13.12 -22.81 1.20
N TYR A 240 13.47 -21.58 0.86
CA TYR A 240 14.81 -21.23 0.43
C TYR A 240 15.35 -20.13 1.33
N ALA A 241 16.67 -20.14 1.52
CA ALA A 241 17.32 -19.17 2.39
C ALA A 241 17.19 -17.77 1.82
N ALA A 242 17.07 -16.79 2.72
CA ALA A 242 16.96 -15.40 2.30
C ALA A 242 18.12 -15.00 1.40
N LYS A 243 19.32 -15.52 1.67
CA LYS A 243 20.48 -15.13 0.88
C LYS A 243 20.39 -15.59 -0.57
N ASP A 244 19.47 -16.48 -0.91
CA ASP A 244 19.32 -16.96 -2.27
C ASP A 244 18.17 -16.29 -3.01
N ALA A 245 17.50 -15.31 -2.40
CA ALA A 245 16.31 -14.73 -3.01
C ALA A 245 16.61 -14.13 -4.37
N GLU A 246 17.74 -13.41 -4.50
CA GLU A 246 18.01 -12.72 -5.75
C GLU A 246 18.29 -13.70 -6.88
N LYS A 247 18.97 -14.81 -6.58
CA LYS A 247 19.18 -15.82 -7.61
C LYS A 247 17.85 -16.43 -8.07
N ILE A 248 16.92 -16.62 -7.15
CA ILE A 248 15.59 -17.09 -7.54
C ILE A 248 14.93 -16.08 -8.46
N ARG A 249 15.03 -14.79 -8.14
CA ARG A 249 14.49 -13.77 -9.04
C ARG A 249 15.13 -13.86 -10.41
N GLU A 250 16.44 -14.05 -10.47
CA GLU A 250 17.12 -14.13 -11.76
C GLU A 250 16.62 -15.31 -12.57
N LEU A 251 16.35 -16.44 -11.91
CA LEU A 251 15.77 -17.58 -12.61
C LEU A 251 14.38 -17.23 -13.15
N LEU A 252 13.54 -16.63 -12.30
CA LEU A 252 12.15 -16.40 -12.71
C LEU A 252 12.03 -15.27 -13.73
N ARG A 253 12.96 -14.31 -13.73
CA ARG A 253 13.01 -13.35 -14.82
C ARG A 253 13.36 -14.05 -16.13
N LYS A 254 14.36 -14.93 -16.10
CA LYS A 254 14.74 -15.68 -17.30
C LYS A 254 13.57 -16.51 -17.82
N VAL A 255 12.95 -17.30 -16.94
CA VAL A 255 11.84 -18.15 -17.37
C VAL A 255 10.68 -17.30 -17.90
N GLY A 256 10.36 -16.21 -17.21
CA GLY A 256 9.31 -15.32 -17.69
C GLY A 256 9.56 -14.86 -19.11
N GLU A 257 10.79 -14.41 -19.39
CA GLU A 257 11.13 -14.01 -20.76
C GLU A 257 10.98 -15.17 -21.72
N GLU A 258 11.41 -16.37 -21.31
CA GLU A 258 11.28 -17.55 -22.17
C GLU A 258 9.82 -17.82 -22.52
N GLN A 259 8.90 -17.51 -21.61
CA GLN A 259 7.48 -17.77 -21.82
C GLN A 259 6.75 -16.60 -22.47
N GLY A 260 7.47 -15.57 -22.90
CA GLY A 260 6.87 -14.46 -23.60
C GLY A 260 6.34 -13.36 -22.72
N GLN A 261 6.47 -13.47 -21.40
CA GLN A 261 6.11 -12.36 -20.53
C GLN A 261 6.97 -11.15 -20.84
N GLU A 262 6.33 -9.97 -20.92
CA GLU A 262 7.03 -8.73 -21.20
C GLU A 262 7.13 -7.94 -19.91
N ASN A 263 8.22 -8.20 -19.16
CA ASN A 263 8.44 -7.55 -17.88
C ASN A 263 9.66 -6.64 -17.94
N PRO A 264 9.66 -5.54 -17.21
CA PRO A 264 10.88 -4.70 -17.13
C PRO A 264 12.00 -5.46 -16.44
N PRO A 265 13.26 -5.07 -16.67
CA PRO A 265 14.38 -5.88 -16.16
C PRO A 265 14.50 -5.87 -14.65
N ASP A 266 13.91 -4.89 -13.96
CA ASP A 266 13.93 -4.84 -12.50
C ASP A 266 12.63 -5.42 -11.91
N HIS A 267 12.00 -6.34 -12.60
CA HIS A 267 10.74 -6.94 -12.17
C HIS A 267 11.00 -7.92 -11.03
N ASP A 268 10.15 -7.86 -10.00
CA ASP A 268 10.31 -8.74 -8.83
C ASP A 268 9.29 -9.87 -8.87
N PRO A 269 9.62 -11.01 -9.48
CA PRO A 269 8.65 -12.10 -9.56
C PRO A 269 8.34 -12.75 -8.23
N ILE A 270 9.21 -12.60 -7.22
CA ILE A 270 8.93 -13.17 -5.91
C ILE A 270 7.81 -12.39 -5.24
N HIS A 271 7.94 -11.07 -5.17
CA HIS A 271 6.88 -10.28 -4.58
C HIS A 271 5.58 -10.40 -5.39
N ASP A 272 5.70 -10.57 -6.70
CA ASP A 272 4.51 -10.79 -7.54
C ASP A 272 3.67 -11.95 -7.01
N GLN A 273 4.30 -12.95 -6.41
CA GLN A 273 3.59 -14.10 -5.84
C GLN A 273 2.76 -14.82 -6.90
N SER A 274 3.35 -15.00 -8.08
CA SER A 274 2.66 -15.62 -9.19
C SER A 274 3.30 -16.93 -9.66
N TRP A 275 4.38 -17.38 -9.01
CA TRP A 275 5.11 -18.55 -9.46
C TRP A 275 5.01 -19.66 -8.43
N TYR A 276 4.94 -20.90 -8.92
CA TYR A 276 5.14 -22.08 -8.11
C TYR A 276 6.28 -22.88 -8.73
N LEU A 277 7.30 -23.18 -7.93
CA LEU A 277 8.47 -23.91 -8.42
C LEU A 277 8.13 -25.39 -8.46
N ASP A 278 7.74 -25.88 -9.64
CA ASP A 278 7.51 -27.30 -9.84
C ASP A 278 8.83 -28.05 -9.92
N GLN A 279 8.76 -29.35 -10.18
CA GLN A 279 9.98 -30.16 -10.20
C GLN A 279 10.95 -29.67 -11.25
N THR A 280 10.45 -29.23 -12.41
CA THR A 280 11.32 -28.72 -13.46
C THR A 280 12.07 -27.47 -13.00
N LEU A 281 11.34 -26.53 -12.40
CA LEU A 281 11.98 -25.27 -11.99
C LEU A 281 12.91 -25.48 -10.81
N ARG A 282 12.54 -26.36 -9.87
CA ARG A 282 13.42 -26.62 -8.74
C ARG A 282 14.73 -27.26 -9.19
N LYS A 283 14.64 -28.23 -10.11
CA LYS A 283 15.85 -28.84 -10.64
C LYS A 283 16.69 -27.81 -11.41
N ARG A 284 16.02 -26.92 -12.14
CA ARG A 284 16.73 -25.88 -12.88
C ARG A 284 17.39 -24.89 -11.92
N LEU A 285 16.67 -24.48 -10.88
CA LEU A 285 17.25 -23.61 -9.87
C LEU A 285 18.50 -24.22 -9.26
N TYR A 286 18.51 -25.55 -9.10
CA TYR A 286 19.65 -26.24 -8.51
C TYR A 286 20.81 -26.36 -9.50
N GLU A 287 20.50 -26.77 -10.74
CA GLU A 287 21.55 -27.04 -11.73
C GLU A 287 22.21 -25.76 -12.22
N GLU A 288 21.42 -24.70 -12.45
CA GLU A 288 21.92 -23.51 -13.11
C GLU A 288 22.32 -22.39 -12.17
N TYR A 289 21.89 -22.44 -10.90
CA TYR A 289 22.21 -21.40 -9.94
C TYR A 289 22.77 -21.95 -8.63
N GLY A 290 22.87 -23.27 -8.48
CA GLY A 290 23.42 -23.88 -7.29
C GLY A 290 22.58 -23.75 -6.04
N VAL A 291 21.32 -23.33 -6.17
CA VAL A 291 20.48 -23.04 -5.02
C VAL A 291 19.70 -24.30 -4.64
N GLN A 292 19.85 -24.71 -3.38
CA GLN A 292 19.12 -25.84 -2.83
C GLN A 292 18.18 -25.34 -1.73
N GLY A 293 16.98 -25.89 -1.69
CA GLY A 293 16.00 -25.53 -0.69
C GLY A 293 15.76 -26.64 0.33
N TRP A 294 14.83 -26.35 1.23
CA TRP A 294 14.32 -27.32 2.18
C TRP A 294 12.94 -27.78 1.70
N ALA A 295 12.81 -29.07 1.41
CA ALA A 295 11.52 -29.68 1.12
C ALA A 295 10.96 -30.26 2.41
N ILE A 296 9.83 -29.71 2.86
CA ILE A 296 9.25 -30.03 4.16
C ILE A 296 7.83 -30.51 3.95
N VAL A 297 7.50 -31.66 4.55
CA VAL A 297 6.12 -32.11 4.66
C VAL A 297 5.62 -31.75 6.05
N GLN A 298 4.58 -30.93 6.11
CA GLN A 298 3.99 -30.50 7.35
C GLN A 298 2.85 -31.46 7.68
N PHE A 299 3.01 -32.23 8.76
CA PHE A 299 2.00 -33.16 9.23
C PHE A 299 1.06 -32.47 10.22
N LEU A 300 -0.04 -33.14 10.55
CA LEU A 300 -0.91 -32.67 11.61
C LEU A 300 -0.09 -32.37 12.86
N GLY A 301 -0.23 -31.15 13.38
CA GLY A 301 0.45 -30.75 14.59
C GLY A 301 1.85 -30.21 14.40
N ASP A 302 2.35 -30.18 13.17
CA ASP A 302 3.66 -29.62 12.88
C ASP A 302 3.57 -28.10 12.79
N ALA A 303 4.49 -27.42 13.45
CA ALA A 303 4.65 -25.97 13.38
C ALA A 303 5.88 -25.67 12.54
N VAL A 304 5.67 -24.97 11.43
CA VAL A 304 6.74 -24.58 10.53
C VAL A 304 7.15 -23.15 10.87
N PHE A 305 8.44 -22.95 11.15
CA PHE A 305 9.03 -21.65 11.46
C PHE A 305 9.74 -21.15 10.20
N ILE A 306 9.29 -20.01 9.69
CA ILE A 306 9.74 -19.48 8.41
C ILE A 306 10.57 -18.23 8.69
N PRO A 307 11.86 -18.21 8.37
CA PRO A 307 12.66 -17.00 8.64
C PRO A 307 12.27 -15.84 7.72
N ALA A 308 12.33 -14.64 8.29
CA ALA A 308 12.12 -13.43 7.51
C ALA A 308 13.04 -13.39 6.30
N GLY A 309 12.50 -13.00 5.15
CA GLY A 309 13.25 -12.92 3.93
C GLY A 309 13.40 -14.22 3.17
N ALA A 310 12.97 -15.34 3.74
CA ALA A 310 13.11 -16.64 3.09
C ALA A 310 11.96 -16.87 2.12
N PRO A 311 12.23 -17.01 0.81
CA PRO A 311 11.15 -17.38 -0.12
C PRO A 311 10.59 -18.76 0.23
N HIS A 312 9.28 -18.91 0.06
CA HIS A 312 8.64 -20.16 0.45
C HIS A 312 7.32 -20.30 -0.29
N GLN A 313 6.93 -21.54 -0.52
CA GLN A 313 5.69 -21.89 -1.20
C GLN A 313 5.08 -23.10 -0.51
N VAL A 314 3.76 -23.25 -0.66
CA VAL A 314 2.98 -24.27 0.05
C VAL A 314 2.08 -24.99 -0.96
N HIS A 315 2.05 -26.31 -0.86
CA HIS A 315 1.26 -27.17 -1.74
C HIS A 315 0.47 -28.14 -0.87
N ASN A 316 -0.84 -27.93 -0.75
CA ASN A 316 -1.66 -28.79 0.09
C ASN A 316 -1.81 -30.17 -0.54
N LEU A 317 -1.52 -31.20 0.25
CA LEU A 317 -1.70 -32.59 -0.18
C LEU A 317 -3.11 -33.07 0.10
N TYR A 318 -3.67 -32.70 1.24
CA TYR A 318 -5.09 -32.91 1.55
C TYR A 318 -5.68 -31.57 1.96
N SER A 319 -6.95 -31.58 2.34
CA SER A 319 -7.57 -30.35 2.83
C SER A 319 -7.05 -30.02 4.23
N CYS A 320 -6.55 -28.79 4.39
CA CYS A 320 -5.84 -28.38 5.59
C CYS A 320 -6.47 -27.16 6.25
N ILE A 321 -6.34 -27.10 7.57
CA ILE A 321 -6.56 -25.90 8.35
C ILE A 321 -5.24 -25.55 9.03
N LYS A 322 -4.69 -24.39 8.70
CA LYS A 322 -3.46 -23.91 9.30
C LYS A 322 -3.72 -22.58 9.99
N VAL A 323 -2.97 -22.32 11.05
CA VAL A 323 -3.01 -21.03 11.73
C VAL A 323 -1.58 -20.52 11.85
N ALA A 324 -1.37 -19.26 11.46
CA ALA A 324 -0.04 -18.67 11.42
C ALA A 324 -0.01 -17.38 12.24
N GLU A 325 1.15 -17.11 12.83
CA GLU A 325 1.37 -15.91 13.63
C GLU A 325 2.72 -15.32 13.25
N ASP A 326 2.73 -14.02 12.96
CA ASP A 326 3.96 -13.31 12.66
C ASP A 326 4.66 -12.89 13.96
N PHE A 327 5.98 -12.78 13.88
CA PHE A 327 6.78 -12.24 14.97
C PHE A 327 8.09 -11.72 14.39
N VAL A 328 8.82 -10.95 15.20
CA VAL A 328 10.06 -10.29 14.77
C VAL A 328 11.17 -10.69 15.73
N SER A 329 12.00 -11.62 15.33
CA SER A 329 13.10 -12.05 16.18
C SER A 329 14.30 -11.11 16.03
N PRO A 330 15.13 -11.00 17.07
CA PRO A 330 16.33 -10.15 16.92
C PRO A 330 17.27 -10.64 15.84
N GLU A 331 17.29 -11.95 15.59
CA GLU A 331 18.21 -12.52 14.61
C GLU A 331 17.93 -11.98 13.21
N HIS A 332 16.69 -11.57 12.94
CA HIS A 332 16.28 -11.26 11.58
C HIS A 332 15.60 -9.89 11.46
N VAL A 333 15.71 -9.04 12.48
CA VAL A 333 15.05 -7.75 12.44
C VAL A 333 15.54 -6.91 11.26
N LYS A 334 16.73 -7.20 10.74
CA LYS A 334 17.27 -6.43 9.61
C LYS A 334 16.35 -6.49 8.40
N HIS A 335 15.55 -7.55 8.26
CA HIS A 335 14.75 -7.76 7.06
C HIS A 335 13.52 -6.86 7.00
N CYS A 336 13.12 -6.20 8.09
CA CYS A 336 11.99 -5.30 8.08
C CYS A 336 12.40 -3.85 8.25
N PHE A 337 13.70 -3.56 8.23
CA PHE A 337 14.19 -2.20 8.31
C PHE A 337 13.98 -1.50 6.97
N ARG A 338 13.56 -0.24 7.03
CA ARG A 338 13.11 0.49 5.84
C ARG A 338 14.22 1.21 5.11
N LEU A 339 15.44 1.24 5.65
CA LEU A 339 16.56 1.90 5.01
C LEU A 339 17.63 0.87 4.65
N THR A 340 18.42 1.19 3.64
CA THR A 340 19.44 0.26 3.14
C THR A 340 20.53 0.03 4.18
N THR B 3 -0.88 45.02 -19.58
CA THR B 3 -0.80 43.89 -18.66
C THR B 3 -0.40 42.61 -19.40
N SER B 4 0.82 42.14 -19.13
CA SER B 4 1.32 40.94 -19.79
C SER B 4 0.55 39.72 -19.29
N HIS B 5 -0.07 39.01 -20.23
CA HIS B 5 -0.88 37.84 -19.89
C HIS B 5 -0.92 36.93 -21.11
N SER B 6 -1.41 35.72 -20.89
CA SER B 6 -1.65 34.78 -21.98
C SER B 6 -2.78 33.85 -21.54
N TRP B 7 -3.20 32.97 -22.44
CA TRP B 7 -4.26 32.02 -22.18
C TRP B 7 -3.75 30.61 -22.47
N LEU B 8 -3.74 29.76 -21.45
CA LEU B 8 -3.38 28.36 -21.58
C LEU B 8 -4.65 27.50 -21.54
N CYS B 9 -4.45 26.18 -21.49
CA CYS B 9 -5.57 25.24 -21.58
C CYS B 9 -6.43 25.53 -22.81
N ASP B 10 -5.77 25.77 -23.94
CA ASP B 10 -6.45 26.06 -25.19
C ASP B 10 -7.36 27.28 -25.05
N GLY B 11 -6.83 28.32 -24.41
CA GLY B 11 -7.52 29.59 -24.32
C GLY B 11 -8.50 29.74 -23.18
N ARG B 12 -8.52 28.82 -22.21
CA ARG B 12 -9.50 28.85 -21.14
C ARG B 12 -8.92 29.17 -19.77
N LEU B 13 -7.60 29.28 -19.64
CA LEU B 13 -6.95 29.57 -18.36
C LEU B 13 -6.18 30.86 -18.48
N LEU B 14 -6.53 31.83 -17.64
CA LEU B 14 -5.79 33.09 -17.59
C LEU B 14 -4.43 32.88 -16.93
N CYS B 15 -3.39 33.41 -17.56
N CYS B 15 -3.39 33.43 -17.54
CA CYS B 15 -2.04 33.35 -17.00
CA CYS B 15 -2.05 33.34 -16.98
C CYS B 15 -1.47 34.76 -16.97
C CYS B 15 -1.46 34.75 -16.97
N LEU B 16 -1.30 35.30 -15.77
CA LEU B 16 -0.71 36.61 -15.58
C LEU B 16 0.79 36.46 -15.34
N HIS B 17 1.59 37.20 -16.10
CA HIS B 17 3.03 36.99 -16.14
C HIS B 17 3.81 37.93 -15.23
N ASP B 18 3.25 39.07 -14.85
CA ASP B 18 3.92 39.98 -13.92
C ASP B 18 3.24 39.88 -12.57
N PRO B 19 3.78 39.14 -11.60
CA PRO B 19 3.11 39.00 -10.31
C PRO B 19 3.01 40.30 -9.53
N SER B 20 3.73 41.35 -9.92
CA SER B 20 3.72 42.63 -9.22
C SER B 20 3.12 43.75 -10.08
N ASN B 21 2.33 43.42 -11.09
CA ASN B 21 1.64 44.43 -11.89
C ASN B 21 0.35 44.82 -11.16
N LYS B 22 0.23 46.11 -10.84
CA LYS B 22 -0.93 46.60 -10.10
C LYS B 22 -2.24 46.49 -10.88
N ASN B 23 -2.17 46.17 -12.18
CA ASN B 23 -3.36 46.04 -13.01
C ASN B 23 -3.79 44.59 -13.22
N ASN B 24 -3.09 43.64 -12.62
CA ASN B 24 -3.43 42.23 -12.82
C ASN B 24 -4.90 41.94 -12.55
N TRP B 25 -5.53 42.75 -11.69
CA TRP B 25 -6.89 42.47 -11.26
C TRP B 25 -7.91 42.66 -12.39
N LYS B 26 -7.61 43.48 -13.41
CA LYS B 26 -8.62 43.86 -14.39
C LYS B 26 -9.15 42.65 -15.14
N ILE B 27 -8.26 41.85 -15.74
CA ILE B 27 -8.68 40.65 -16.44
C ILE B 27 -8.97 39.52 -15.46
N PHE B 28 -8.30 39.53 -14.31
CA PHE B 28 -8.56 38.52 -13.29
C PHE B 28 -10.02 38.52 -12.85
N ARG B 29 -10.62 39.70 -12.72
CA ARG B 29 -11.93 39.80 -12.08
C ARG B 29 -12.99 39.02 -12.84
N GLU B 30 -13.00 39.11 -14.17
CA GLU B 30 -14.03 38.41 -14.92
C GLU B 30 -13.84 36.90 -14.87
N CYS B 31 -12.60 36.42 -14.95
CA CYS B 31 -12.35 34.99 -14.84
C CYS B 31 -12.75 34.47 -13.46
N TRP B 32 -12.42 35.23 -12.41
CA TRP B 32 -12.77 34.83 -11.05
C TRP B 32 -14.28 34.80 -10.86
N LYS B 33 -14.98 35.80 -11.39
CA LYS B 33 -16.44 35.83 -11.28
C LYS B 33 -17.06 34.61 -11.94
N GLN B 34 -16.49 34.15 -13.06
CA GLN B 34 -16.99 32.97 -13.74
C GLN B 34 -16.61 31.68 -13.03
N GLY B 35 -15.88 31.75 -11.92
CA GLY B 35 -15.50 30.57 -11.18
C GLY B 35 -14.32 29.82 -11.75
N GLN B 36 -13.49 30.48 -12.56
CA GLN B 36 -12.36 29.81 -13.17
C GLN B 36 -11.12 29.95 -12.28
N PRO B 37 -10.23 28.96 -12.29
CA PRO B 37 -8.92 29.16 -11.68
C PRO B 37 -8.09 30.11 -12.52
N VAL B 38 -7.06 30.66 -11.91
CA VAL B 38 -6.15 31.60 -12.56
C VAL B 38 -4.73 31.24 -12.14
N LEU B 39 -3.79 31.47 -13.04
CA LEU B 39 -2.39 31.19 -12.80
C LEU B 39 -1.59 32.49 -12.89
N VAL B 40 -0.65 32.66 -11.96
CA VAL B 40 0.28 33.78 -11.95
C VAL B 40 1.68 33.21 -11.87
N SER B 41 2.53 33.59 -12.83
CA SER B 41 3.88 33.05 -12.91
C SER B 41 4.90 34.06 -12.39
N GLY B 42 6.12 33.57 -12.16
CA GLY B 42 7.23 34.43 -11.79
C GLY B 42 7.35 34.76 -10.32
N VAL B 43 6.52 34.15 -9.46
CA VAL B 43 6.58 34.49 -8.04
C VAL B 43 7.94 34.14 -7.44
N HIS B 44 8.57 33.07 -7.93
CA HIS B 44 9.86 32.65 -7.38
C HIS B 44 10.92 33.73 -7.56
N LYS B 45 10.82 34.53 -8.62
CA LYS B 45 11.78 35.60 -8.83
C LYS B 45 11.68 36.70 -7.79
N LYS B 46 10.58 36.75 -7.03
CA LYS B 46 10.41 37.73 -5.96
C LYS B 46 10.89 37.23 -4.62
N LEU B 47 11.23 35.95 -4.50
CA LEU B 47 11.56 35.33 -3.23
C LEU B 47 13.08 35.18 -3.08
N LYS B 48 13.50 34.89 -1.85
CA LYS B 48 14.90 34.58 -1.55
C LYS B 48 15.06 33.08 -1.74
N SER B 49 15.64 32.68 -2.89
CA SER B 49 15.72 31.26 -3.23
C SER B 49 16.42 30.44 -2.16
N GLU B 50 17.41 31.03 -1.47
CA GLU B 50 18.16 30.28 -0.48
C GLU B 50 17.29 29.80 0.68
N LEU B 51 16.17 30.47 0.93
CA LEU B 51 15.28 30.10 2.03
C LEU B 51 14.39 28.92 1.70
N TRP B 52 14.33 28.49 0.44
CA TRP B 52 13.37 27.48 0.01
C TRP B 52 14.07 26.26 -0.56
N LYS B 53 15.23 25.91 0.02
CA LYS B 53 15.98 24.74 -0.41
C LYS B 53 15.72 23.57 0.55
N PRO B 54 15.50 22.35 0.05
CA PRO B 54 15.34 21.22 0.98
C PRO B 54 16.54 21.02 1.90
N GLU B 55 17.76 21.32 1.44
CA GLU B 55 18.93 21.18 2.29
C GLU B 55 18.84 22.09 3.51
N ALA B 56 18.39 23.33 3.32
CA ALA B 56 18.27 24.27 4.42
C ALA B 56 17.24 23.78 5.44
N PHE B 57 16.08 23.31 4.98
CA PHE B 57 15.07 22.81 5.90
C PHE B 57 15.60 21.64 6.72
N SER B 58 16.27 20.69 6.07
CA SER B 58 16.87 19.58 6.79
C SER B 58 17.90 20.07 7.81
N GLN B 59 18.74 21.02 7.42
CA GLN B 59 19.82 21.45 8.30
C GLN B 59 19.28 22.19 9.51
N GLU B 60 18.22 22.98 9.34
CA GLU B 60 17.71 23.83 10.42
C GLU B 60 16.67 23.12 11.28
N PHE B 61 15.86 22.23 10.71
CA PHE B 61 14.75 21.61 11.43
C PHE B 61 14.83 20.09 11.42
N GLY B 62 15.98 19.53 11.06
CA GLY B 62 16.08 18.11 10.76
C GLY B 62 15.82 17.19 11.94
N ASP B 63 15.84 17.70 13.16
CA ASP B 63 15.69 16.86 14.35
C ASP B 63 14.27 16.83 14.89
N GLN B 64 13.31 17.42 14.17
CA GLN B 64 11.92 17.37 14.60
C GLN B 64 11.28 16.04 14.22
N ASP B 65 10.36 15.58 15.07
CA ASP B 65 9.59 14.37 14.81
C ASP B 65 8.34 14.73 14.02
N VAL B 66 8.06 13.97 12.96
CA VAL B 66 6.94 14.24 12.05
C VAL B 66 6.29 12.93 11.65
N ASP B 67 5.12 13.04 11.05
CA ASP B 67 4.42 11.92 10.42
C ASP B 67 4.52 12.06 8.91
N LEU B 68 4.70 10.94 8.23
CA LEU B 68 4.72 10.89 6.78
C LEU B 68 3.55 10.06 6.29
N VAL B 69 3.16 10.30 5.04
CA VAL B 69 2.11 9.54 4.38
C VAL B 69 2.72 8.89 3.14
N ASN B 70 2.49 7.58 2.99
CA ASN B 70 2.83 6.87 1.76
C ASN B 70 1.73 7.15 0.75
N CYS B 71 2.09 7.85 -0.33
CA CYS B 71 1.09 8.28 -1.30
C CYS B 71 0.44 7.10 -2.02
N ARG B 72 1.12 5.96 -2.10
CA ARG B 72 0.58 4.83 -2.86
C ARG B 72 -0.53 4.11 -2.11
N ASN B 73 -0.50 4.10 -0.77
CA ASN B 73 -1.50 3.38 0.02
C ASN B 73 -2.11 4.20 1.14
N CYS B 74 -1.75 5.48 1.28
CA CYS B 74 -2.32 6.37 2.30
C CYS B 74 -1.97 5.90 3.72
N ALA B 75 -0.93 5.11 3.89
CA ALA B 75 -0.51 4.68 5.20
C ALA B 75 0.28 5.79 5.90
N ILE B 76 0.14 5.86 7.21
CA ILE B 76 0.80 6.87 8.02
C ILE B 76 2.05 6.24 8.64
N ILE B 77 3.20 6.82 8.36
CA ILE B 77 4.45 6.46 9.00
C ILE B 77 4.71 7.50 10.09
N SER B 78 4.60 7.09 11.34
CA SER B 78 4.51 8.02 12.45
C SER B 78 5.83 8.13 13.19
N ASP B 79 6.17 9.35 13.61
CA ASP B 79 7.25 9.62 14.55
C ASP B 79 8.62 9.27 13.97
N VAL B 80 8.91 9.84 12.80
CA VAL B 80 10.24 9.73 12.20
C VAL B 80 10.88 11.11 12.20
N LYS B 81 12.19 11.14 11.94
CA LYS B 81 12.90 12.40 11.89
C LYS B 81 12.68 13.06 10.54
N VAL B 82 12.37 14.35 10.53
CA VAL B 82 12.09 15.03 9.28
C VAL B 82 13.33 15.06 8.39
N ARG B 83 14.52 14.97 8.96
CA ARG B 83 15.73 14.91 8.14
C ARG B 83 15.72 13.68 7.23
N ASP B 84 15.04 12.61 7.64
CA ASP B 84 14.96 11.41 6.82
C ASP B 84 13.96 11.55 5.68
N PHE B 85 13.02 12.51 5.78
CA PHE B 85 12.23 12.87 4.61
C PHE B 85 13.04 13.71 3.64
N TRP B 86 13.70 14.76 4.15
CA TRP B 86 14.40 15.69 3.28
C TRP B 86 15.61 15.04 2.61
N ASP B 87 16.34 14.18 3.33
CA ASP B 87 17.53 13.57 2.75
C ASP B 87 17.22 12.78 1.49
N GLY B 88 16.03 12.19 1.41
CA GLY B 88 15.60 11.48 0.22
C GLY B 88 14.80 12.31 -0.76
N PHE B 89 14.78 13.64 -0.59
CA PHE B 89 13.94 14.48 -1.43
C PHE B 89 14.30 14.32 -2.90
N GLU B 90 15.59 14.32 -3.22
CA GLU B 90 16.06 14.18 -4.59
C GLU B 90 17.06 13.05 -4.74
N ILE B 91 17.11 12.12 -3.79
CA ILE B 91 18.01 10.96 -3.84
C ILE B 91 17.15 9.74 -3.53
N ILE B 92 16.78 8.98 -4.57
CA ILE B 92 15.87 7.87 -4.39
C ILE B 92 16.40 6.89 -3.37
N CYS B 93 17.69 6.54 -3.46
CA CYS B 93 18.23 5.44 -2.66
C CYS B 93 18.30 5.77 -1.17
N LYS B 94 18.09 7.02 -0.77
CA LYS B 94 18.06 7.40 0.64
C LYS B 94 16.65 7.43 1.20
N ARG B 95 15.66 6.99 0.44
CA ARG B 95 14.27 7.09 0.85
C ARG B 95 13.86 5.88 1.68
N LEU B 96 12.99 6.12 2.65
CA LEU B 96 12.35 5.02 3.38
C LEU B 96 11.63 4.10 2.39
N ARG B 97 11.69 2.81 2.64
CA ARG B 97 11.14 1.80 1.75
C ARG B 97 9.93 1.13 2.38
N SER B 98 9.08 0.58 1.51
CA SER B 98 7.85 -0.06 1.93
C SER B 98 8.06 -1.57 2.06
N GLU B 99 7.01 -2.26 2.53
CA GLU B 99 7.11 -3.68 2.80
C GLU B 99 7.62 -4.47 1.61
N ASP B 100 7.33 -4.01 0.39
CA ASP B 100 7.79 -4.68 -0.81
C ASP B 100 9.24 -4.36 -1.16
N GLY B 101 9.89 -3.50 -0.38
CA GLY B 101 11.28 -3.16 -0.61
C GLY B 101 11.52 -2.00 -1.56
N GLN B 102 10.46 -1.35 -2.05
CA GLN B 102 10.62 -0.29 -3.02
C GLN B 102 10.73 1.07 -2.34
N PRO B 103 11.49 2.01 -2.89
CA PRO B 103 11.49 3.37 -2.34
C PRO B 103 10.08 3.95 -2.36
N MET B 104 9.67 4.53 -1.24
CA MET B 104 8.34 5.08 -1.13
C MET B 104 8.26 6.49 -1.70
N VAL B 105 7.10 6.82 -2.25
CA VAL B 105 6.74 8.20 -2.56
C VAL B 105 6.02 8.75 -1.33
N LEU B 106 6.62 9.74 -0.69
CA LEU B 106 6.20 10.18 0.62
C LEU B 106 5.71 11.63 0.59
N LYS B 107 4.72 11.88 1.43
CA LYS B 107 4.18 13.22 1.68
C LYS B 107 4.48 13.58 3.12
N LEU B 108 4.99 14.78 3.33
CA LEU B 108 5.21 15.29 4.68
C LEU B 108 3.88 15.82 5.21
N LYS B 109 3.41 15.23 6.31
CA LYS B 109 2.08 15.52 6.83
C LYS B 109 2.16 16.63 7.88
N ASP B 110 1.42 17.71 7.64
CA ASP B 110 1.17 18.75 8.64
C ASP B 110 2.47 19.29 9.22
N TRP B 111 3.27 19.91 8.36
CA TRP B 111 4.54 20.49 8.80
C TRP B 111 4.83 21.77 8.02
N PRO B 112 5.06 22.92 8.69
CA PRO B 112 4.91 23.15 10.12
C PRO B 112 3.52 22.79 10.60
N PRO B 113 3.40 22.23 11.79
CA PRO B 113 2.09 21.75 12.25
C PRO B 113 1.16 22.90 12.62
N GLY B 114 -0.13 22.69 12.40
CA GLY B 114 -1.14 23.65 12.76
C GLY B 114 -0.88 25.03 12.18
N GLU B 115 -0.74 26.02 13.07
CA GLU B 115 -0.48 27.41 12.66
C GLU B 115 0.89 27.88 13.13
N ASP B 116 1.84 26.95 13.27
CA ASP B 116 3.17 27.29 13.77
C ASP B 116 4.09 27.84 12.70
N PHE B 117 3.63 27.95 11.44
CA PHE B 117 4.48 28.48 10.39
C PHE B 117 5.13 29.80 10.81
N ARG B 118 4.30 30.77 11.21
CA ARG B 118 4.82 32.09 11.58
C ARG B 118 5.88 31.97 12.67
N ASP B 119 5.59 31.20 13.71
CA ASP B 119 6.51 31.09 14.84
C ASP B 119 7.74 30.27 14.50
N MET B 120 7.57 29.16 13.77
CA MET B 120 8.68 28.26 13.53
C MET B 120 9.65 28.83 12.50
N MET B 121 9.15 29.53 11.49
CA MET B 121 9.97 30.03 10.39
C MET B 121 9.56 31.46 10.08
N PRO B 122 9.92 32.41 10.93
CA PRO B 122 9.51 33.81 10.69
C PRO B 122 10.11 34.40 9.41
N THR B 123 11.32 33.99 9.04
CA THR B 123 11.95 34.54 7.84
C THR B 123 11.23 34.05 6.58
N ARG B 124 10.91 32.76 6.51
CA ARG B 124 10.15 32.26 5.37
C ARG B 124 8.76 32.84 5.34
N PHE B 125 8.11 32.96 6.49
CA PHE B 125 6.80 33.58 6.56
C PHE B 125 6.81 34.97 5.93
N GLU B 126 7.77 35.80 6.34
CA GLU B 126 7.85 37.17 5.83
C GLU B 126 8.17 37.18 4.34
N ASP B 127 9.06 36.28 3.89
CA ASP B 127 9.49 36.27 2.50
C ASP B 127 8.31 35.97 1.57
N LEU B 128 7.43 35.05 1.97
CA LEU B 128 6.30 34.70 1.12
C LEU B 128 5.16 35.70 1.27
N MET B 129 4.70 35.91 2.51
CA MET B 129 3.49 36.72 2.72
C MET B 129 3.64 38.13 2.19
N GLU B 130 4.87 38.63 2.08
CA GLU B 130 5.09 39.96 1.52
C GLU B 130 5.07 39.97 0.00
N ASN B 131 5.21 38.80 -0.64
CA ASN B 131 5.27 38.71 -2.09
C ASN B 131 4.13 37.86 -2.66
N LEU B 132 3.04 37.71 -1.94
CA LEU B 132 1.88 37.02 -2.49
C LEU B 132 1.35 37.80 -3.70
N PRO B 133 1.01 37.12 -4.80
CA PRO B 133 0.44 37.82 -5.94
C PRO B 133 -1.00 38.22 -5.69
N LEU B 134 -1.48 39.16 -6.50
CA LEU B 134 -2.79 39.79 -6.31
C LEU B 134 -2.99 40.15 -4.84
N PRO B 135 -2.09 40.94 -4.26
CA PRO B 135 -2.07 41.10 -2.79
C PRO B 135 -3.35 41.72 -2.24
N GLU B 136 -4.07 42.51 -3.03
CA GLU B 136 -5.33 43.09 -2.58
C GLU B 136 -6.36 42.02 -2.26
N TYR B 137 -6.22 40.82 -2.84
CA TYR B 137 -7.11 39.71 -2.53
C TYR B 137 -6.54 38.74 -1.51
N THR B 138 -5.22 38.55 -1.47
CA THR B 138 -4.61 37.43 -0.75
C THR B 138 -3.98 37.81 0.58
N LYS B 139 -3.57 39.06 0.77
CA LYS B 139 -3.01 39.46 2.05
C LYS B 139 -4.12 39.74 3.06
N ARG B 140 -3.82 39.51 4.33
CA ARG B 140 -4.84 39.63 5.38
C ARG B 140 -5.45 41.04 5.39
N ASP B 141 -4.62 42.07 5.23
CA ASP B 141 -5.09 43.44 5.19
C ASP B 141 -5.37 43.92 3.77
N GLY B 142 -5.52 42.99 2.82
CA GLY B 142 -5.83 43.38 1.46
C GLY B 142 -7.18 44.07 1.38
N ARG B 143 -7.28 45.05 0.48
CA ARG B 143 -8.52 45.81 0.33
C ARG B 143 -9.71 44.89 0.06
N LEU B 144 -9.51 43.85 -0.74
CA LEU B 144 -10.58 42.98 -1.18
C LEU B 144 -10.55 41.59 -0.55
N ASN B 145 -9.80 41.42 0.53
CA ASN B 145 -9.81 40.17 1.28
C ASN B 145 -10.77 40.36 2.46
N LEU B 146 -11.83 39.56 2.48
CA LEU B 146 -12.88 39.69 3.50
C LEU B 146 -12.67 38.76 4.69
N ALA B 147 -11.59 37.97 4.70
CA ALA B 147 -11.45 36.91 5.69
C ALA B 147 -11.40 37.46 7.11
N SER B 148 -10.71 38.58 7.31
CA SER B 148 -10.57 39.12 8.66
C SER B 148 -11.79 39.90 9.13
N ARG B 149 -12.70 40.25 8.22
CA ARG B 149 -13.88 41.03 8.58
C ARG B 149 -15.15 40.19 8.74
N LEU B 150 -15.22 39.02 8.12
CA LEU B 150 -16.49 38.31 8.08
C LEU B 150 -16.69 37.44 9.31
N PRO B 151 -17.94 37.21 9.72
CA PRO B 151 -18.21 36.30 10.84
C PRO B 151 -17.83 34.86 10.50
N SER B 152 -17.87 34.02 11.54
CA SER B 152 -17.42 32.63 11.43
C SER B 152 -18.30 31.78 10.52
N TYR B 153 -19.53 32.20 10.24
CA TYR B 153 -20.35 31.42 9.32
C TYR B 153 -19.98 31.65 7.86
N PHE B 154 -19.01 32.53 7.58
CA PHE B 154 -18.44 32.69 6.24
C PHE B 154 -17.07 32.05 6.10
N VAL B 155 -16.26 32.06 7.17
CA VAL B 155 -14.87 31.64 7.09
C VAL B 155 -14.37 31.39 8.50
N ARG B 156 -13.43 30.46 8.63
CA ARG B 156 -12.80 30.23 9.91
C ARG B 156 -11.83 31.38 10.23
N PRO B 157 -11.50 31.58 11.50
CA PRO B 157 -10.67 32.73 11.87
C PRO B 157 -9.18 32.46 11.70
N ASP B 158 -8.41 33.55 11.74
CA ASP B 158 -6.95 33.50 11.74
C ASP B 158 -6.41 32.54 10.68
N LEU B 159 -6.58 32.97 9.42
CA LEU B 159 -6.04 32.23 8.30
C LEU B 159 -4.53 32.42 8.21
N GLY B 160 -3.80 31.32 8.09
CA GLY B 160 -2.36 31.36 7.99
C GLY B 160 -1.85 30.40 6.93
N PRO B 161 -0.62 30.58 6.47
CA PRO B 161 -0.12 29.77 5.37
C PRO B 161 0.23 28.35 5.82
N LYS B 162 0.22 27.44 4.85
CA LYS B 162 0.63 26.06 5.04
C LYS B 162 1.64 25.68 3.97
N MET B 163 2.60 24.84 4.33
CA MET B 163 3.58 24.32 3.39
C MET B 163 3.27 22.88 3.06
N TYR B 164 3.41 22.53 1.78
CA TYR B 164 3.13 21.19 1.28
C TYR B 164 4.40 20.63 0.66
N ASN B 165 4.92 19.56 1.25
CA ASN B 165 6.16 18.93 0.80
C ASN B 165 5.89 17.46 0.50
N ALA B 166 6.27 17.02 -0.70
CA ALA B 166 6.05 15.63 -1.08
C ALA B 166 6.99 15.25 -2.21
N TYR B 167 7.32 13.96 -2.26
CA TYR B 167 8.13 13.44 -3.35
C TYR B 167 7.32 13.44 -4.64
N GLY B 168 8.04 13.35 -5.75
CA GLY B 168 7.40 13.19 -7.05
C GLY B 168 7.03 11.74 -7.29
N LEU B 169 5.88 11.54 -7.93
CA LEU B 169 5.48 10.20 -8.33
C LEU B 169 6.32 9.75 -9.52
N ILE B 170 6.50 8.44 -9.64
CA ILE B 170 7.57 7.88 -10.47
C ILE B 170 7.04 6.93 -11.54
N THR B 171 6.44 5.82 -11.10
CA THR B 171 6.17 4.71 -12.00
C THR B 171 4.94 4.96 -12.86
N ALA B 172 4.69 4.03 -13.79
CA ALA B 172 3.49 4.11 -14.61
C ALA B 172 2.24 3.81 -13.80
N GLU B 173 2.33 2.89 -12.84
CA GLU B 173 1.22 2.64 -11.93
C GLU B 173 0.94 3.85 -11.05
N ASP B 174 1.93 4.72 -10.84
CA ASP B 174 1.73 5.93 -10.06
C ASP B 174 0.88 6.97 -10.77
N ARG B 175 0.62 6.80 -12.07
CA ARG B 175 -0.18 7.78 -12.80
C ARG B 175 -1.62 7.82 -12.30
N ARG B 176 -2.10 6.71 -11.73
CA ARG B 176 -3.44 6.66 -11.14
C ARG B 176 -3.45 7.13 -9.70
N VAL B 177 -2.33 7.63 -9.19
CA VAL B 177 -2.21 8.08 -7.82
C VAL B 177 -2.09 9.59 -7.80
N GLY B 178 -2.64 10.19 -6.74
CA GLY B 178 -2.52 11.63 -6.51
C GLY B 178 -1.64 11.91 -5.31
N THR B 179 -0.95 13.04 -5.35
CA THR B 179 -0.33 13.56 -4.14
C THR B 179 -1.42 14.02 -3.16
N THR B 180 -2.42 14.73 -3.66
CA THR B 180 -3.61 15.06 -2.89
C THR B 180 -4.83 14.66 -3.70
N ASN B 181 -5.73 13.92 -3.07
CA ASN B 181 -6.90 13.40 -3.76
C ASN B 181 -7.89 14.52 -4.06
N LEU B 182 -8.85 14.21 -4.91
CA LEU B 182 -9.89 15.16 -5.29
C LEU B 182 -10.67 15.60 -4.06
N HIS B 183 -10.80 16.92 -3.89
CA HIS B 183 -11.54 17.48 -2.78
C HIS B 183 -11.86 18.93 -3.12
N LEU B 184 -12.68 19.55 -2.28
CA LEU B 184 -12.98 20.96 -2.38
C LEU B 184 -12.76 21.61 -1.03
N ASP B 185 -12.58 22.93 -1.06
CA ASP B 185 -12.36 23.70 0.14
C ASP B 185 -13.44 24.78 0.25
N VAL B 186 -13.66 25.23 1.49
CA VAL B 186 -14.76 26.16 1.78
C VAL B 186 -14.37 27.62 1.59
N SER B 187 -13.12 27.91 1.23
CA SER B 187 -12.70 29.26 0.93
C SER B 187 -11.88 29.27 -0.35
N ASP B 188 -11.59 30.48 -0.83
CA ASP B 188 -10.62 30.65 -1.91
C ASP B 188 -9.23 30.35 -1.37
N ALA B 189 -8.29 30.13 -2.30
CA ALA B 189 -6.93 29.83 -1.89
C ALA B 189 -5.98 30.08 -3.06
N VAL B 190 -4.72 30.34 -2.73
CA VAL B 190 -3.65 30.48 -3.70
C VAL B 190 -2.55 29.52 -3.29
N ASN B 191 -1.98 28.81 -4.26
CA ASN B 191 -0.95 27.80 -4.02
C ASN B 191 0.27 28.16 -4.86
N VAL B 192 1.40 28.38 -4.20
CA VAL B 192 2.61 28.87 -4.85
C VAL B 192 3.67 27.77 -4.82
N MET B 193 4.23 27.47 -5.99
CA MET B 193 5.32 26.51 -6.12
C MET B 193 6.65 27.23 -5.85
N VAL B 194 7.31 26.91 -4.75
CA VAL B 194 8.53 27.62 -4.35
C VAL B 194 9.80 26.81 -4.59
N TYR B 195 9.71 25.51 -4.87
CA TYR B 195 10.90 24.73 -5.19
C TYR B 195 10.48 23.46 -5.94
N VAL B 196 11.27 23.10 -6.93
CA VAL B 196 11.09 21.87 -7.70
C VAL B 196 12.44 21.17 -7.79
N GLY B 197 12.49 19.90 -7.37
CA GLY B 197 13.73 19.15 -7.41
C GLY B 197 13.86 18.27 -8.64
N ILE B 198 14.70 18.69 -9.58
CA ILE B 198 14.94 17.95 -10.82
C ILE B 198 16.27 17.22 -10.70
N PRO B 199 16.28 15.91 -10.42
CA PRO B 199 17.52 15.15 -10.34
C PRO B 199 18.45 15.35 -11.55
N HIS B 205 14.63 7.77 -17.97
CA HIS B 205 14.78 8.47 -16.70
C HIS B 205 13.49 9.19 -16.32
N ASP B 206 13.34 10.42 -16.80
CA ASP B 206 12.15 11.23 -16.54
C ASP B 206 11.26 11.34 -17.78
N GLU B 207 11.23 10.28 -18.60
CA GLU B 207 10.29 10.23 -19.70
C GLU B 207 8.89 9.87 -19.25
N GLU B 208 8.76 9.16 -18.12
CA GLU B 208 7.44 8.89 -17.56
C GLU B 208 6.72 10.19 -17.21
N VAL B 209 7.47 11.22 -16.82
CA VAL B 209 6.86 12.52 -16.54
C VAL B 209 6.18 13.06 -17.79
N LEU B 210 6.90 13.05 -18.91
CA LEU B 210 6.36 13.63 -20.15
C LEU B 210 5.15 12.86 -20.64
N LYS B 211 5.06 11.56 -20.35
CA LYS B 211 3.87 10.80 -20.70
C LYS B 211 2.75 11.03 -19.70
N THR B 212 3.09 11.27 -18.43
CA THR B 212 2.06 11.64 -17.45
C THR B 212 1.45 12.99 -17.81
N ILE B 213 2.28 13.96 -18.20
CA ILE B 213 1.79 15.26 -18.64
C ILE B 213 0.89 15.09 -19.86
N ASP B 214 1.35 14.32 -20.85
CA ASP B 214 0.56 14.10 -22.06
C ASP B 214 -0.77 13.41 -21.72
N GLU B 215 -0.69 12.27 -21.02
CA GLU B 215 -1.91 11.56 -20.65
C GLU B 215 -2.81 12.39 -19.73
N GLY B 216 -2.24 13.38 -19.04
CA GLY B 216 -3.01 14.23 -18.17
C GLY B 216 -3.82 15.32 -18.85
N ASP B 217 -3.82 15.35 -20.18
CA ASP B 217 -4.62 16.28 -20.97
C ASP B 217 -4.07 17.70 -20.93
N ALA B 218 -2.76 17.85 -20.73
CA ALA B 218 -2.14 19.17 -20.79
C ALA B 218 -2.10 19.67 -22.22
N ASP B 219 -2.19 21.00 -22.39
CA ASP B 219 -2.27 21.59 -23.71
C ASP B 219 -0.90 21.68 -24.36
N GLU B 220 -0.90 21.99 -25.66
CA GLU B 220 0.34 21.96 -26.43
C GLU B 220 1.31 23.04 -25.99
N VAL B 221 0.81 24.24 -25.68
CA VAL B 221 1.71 25.34 -25.32
C VAL B 221 2.31 25.10 -23.95
N THR B 222 1.58 24.46 -23.03
CA THR B 222 2.16 24.15 -21.73
C THR B 222 3.39 23.27 -21.88
N LYS B 223 3.35 22.30 -22.79
CA LYS B 223 4.52 21.48 -23.06
C LYS B 223 5.67 22.29 -23.64
N GLN B 224 5.37 23.44 -24.26
CA GLN B 224 6.42 24.31 -24.77
C GLN B 224 7.11 25.08 -23.65
N ARG B 225 6.43 25.30 -22.52
CA ARG B 225 7.09 25.85 -21.35
C ARG B 225 8.23 24.96 -20.89
N ILE B 226 8.21 23.68 -21.24
CA ILE B 226 9.29 22.77 -20.88
C ILE B 226 10.44 22.88 -21.89
N HIS B 227 10.16 22.59 -23.15
CA HIS B 227 11.21 22.39 -24.14
C HIS B 227 11.79 23.70 -24.66
N ASP B 228 10.99 24.78 -24.68
CA ASP B 228 11.44 26.07 -25.18
C ASP B 228 11.76 27.03 -24.04
N GLY B 229 10.79 27.28 -23.15
CA GLY B 229 11.06 28.10 -21.98
C GLY B 229 12.06 27.49 -21.02
N LYS B 230 12.26 26.17 -21.09
CA LYS B 230 13.23 25.47 -20.25
C LYS B 230 12.86 25.52 -18.77
N GLU B 231 11.56 25.60 -18.46
CA GLU B 231 11.11 25.71 -17.09
C GLU B 231 10.96 24.33 -16.45
N LYS B 232 10.89 24.31 -15.12
CA LYS B 232 10.84 23.07 -14.36
C LYS B 232 9.40 22.76 -14.00
N PRO B 233 8.79 21.71 -14.54
CA PRO B 233 7.39 21.39 -14.17
C PRO B 233 7.35 20.62 -12.86
N GLY B 234 6.45 21.03 -11.97
CA GLY B 234 6.42 20.46 -10.64
C GLY B 234 5.24 19.55 -10.34
N ALA B 235 4.03 19.98 -10.69
CA ALA B 235 2.85 19.23 -10.31
C ALA B 235 1.78 19.38 -11.39
N LEU B 236 0.98 18.33 -11.53
CA LEU B 236 -0.13 18.30 -12.47
C LEU B 236 -1.43 18.42 -11.69
N TRP B 237 -2.19 19.47 -11.97
CA TRP B 237 -3.47 19.72 -11.34
C TRP B 237 -4.60 19.33 -12.28
N HIS B 238 -5.72 18.92 -11.69
CA HIS B 238 -7.01 18.90 -12.38
C HIS B 238 -7.99 19.64 -11.50
N ILE B 239 -8.60 20.69 -12.05
CA ILE B 239 -9.51 21.56 -11.32
C ILE B 239 -10.83 21.58 -12.07
N TYR B 240 -11.92 21.55 -11.32
CA TYR B 240 -13.26 21.55 -11.88
C TYR B 240 -14.07 22.68 -11.26
N ALA B 241 -15.03 23.18 -12.03
CA ALA B 241 -15.88 24.28 -11.56
C ALA B 241 -16.72 23.82 -10.38
N ALA B 242 -16.96 24.75 -9.46
CA ALA B 242 -17.80 24.45 -8.30
C ALA B 242 -19.19 24.01 -8.71
N LYS B 243 -19.71 24.53 -9.84
CA LYS B 243 -21.04 24.15 -10.30
C LYS B 243 -21.09 22.72 -10.81
N ASP B 244 -19.95 22.11 -11.10
CA ASP B 244 -19.90 20.73 -11.59
C ASP B 244 -19.64 19.72 -10.49
N ALA B 245 -19.54 20.17 -9.24
CA ALA B 245 -19.22 19.25 -8.15
C ALA B 245 -20.26 18.14 -8.04
N GLU B 246 -21.54 18.48 -8.14
CA GLU B 246 -22.58 17.47 -7.96
C GLU B 246 -22.53 16.44 -9.09
N LYS B 247 -22.24 16.87 -10.31
CA LYS B 247 -22.06 15.91 -11.40
C LYS B 247 -20.92 14.95 -11.11
N ILE B 248 -19.85 15.44 -10.47
CA ILE B 248 -18.74 14.56 -10.12
C ILE B 248 -19.16 13.57 -9.05
N ARG B 249 -19.91 14.03 -8.05
CA ARG B 249 -20.40 13.12 -7.02
C ARG B 249 -21.21 11.99 -7.63
N GLU B 250 -22.18 12.31 -8.49
CA GLU B 250 -22.97 11.28 -9.15
C GLU B 250 -22.06 10.21 -9.77
N LEU B 251 -21.07 10.65 -10.54
CA LEU B 251 -20.15 9.71 -11.18
C LEU B 251 -19.47 8.81 -10.16
N LEU B 252 -18.83 9.40 -9.15
CA LEU B 252 -18.07 8.60 -8.20
C LEU B 252 -18.97 7.78 -7.30
N ARG B 253 -20.18 8.26 -7.01
CA ARG B 253 -21.17 7.41 -6.35
C ARG B 253 -21.41 6.15 -7.16
N LYS B 254 -21.53 6.30 -8.49
CA LYS B 254 -21.80 5.15 -9.35
C LYS B 254 -20.58 4.24 -9.46
N VAL B 255 -19.42 4.81 -9.75
CA VAL B 255 -18.19 4.01 -9.82
C VAL B 255 -17.95 3.30 -8.50
N GLY B 256 -18.28 3.95 -7.39
CA GLY B 256 -18.12 3.31 -6.10
C GLY B 256 -18.94 2.04 -5.97
N GLU B 257 -20.21 2.09 -6.40
CA GLU B 257 -21.04 0.90 -6.35
C GLU B 257 -20.51 -0.19 -7.27
N GLU B 258 -19.96 0.19 -8.43
CA GLU B 258 -19.45 -0.81 -9.36
C GLU B 258 -18.27 -1.58 -8.78
N GLN B 259 -17.46 -0.93 -7.95
CA GLN B 259 -16.27 -1.55 -7.39
C GLN B 259 -16.53 -2.23 -6.05
N GLY B 260 -17.75 -2.14 -5.51
CA GLY B 260 -18.15 -2.92 -4.35
C GLY B 260 -18.45 -2.13 -3.11
N GLN B 261 -18.14 -0.84 -3.04
CA GLN B 261 -18.40 -0.06 -1.85
C GLN B 261 -19.89 -0.04 -1.54
N GLU B 262 -20.23 -0.08 -0.25
CA GLU B 262 -21.61 0.00 0.22
C GLU B 262 -21.77 1.35 0.91
N ASN B 263 -22.06 2.38 0.10
CA ASN B 263 -22.21 3.72 0.61
C ASN B 263 -23.68 4.15 0.61
N PRO B 264 -24.13 4.91 1.59
CA PRO B 264 -25.51 5.42 1.56
C PRO B 264 -25.75 6.25 0.31
N PRO B 265 -27.02 6.46 -0.07
CA PRO B 265 -27.29 7.21 -1.30
C PRO B 265 -26.85 8.67 -1.25
N ASP B 266 -26.73 9.25 -0.06
CA ASP B 266 -26.30 10.63 0.10
C ASP B 266 -24.79 10.75 0.30
N HIS B 267 -24.06 9.65 0.15
CA HIS B 267 -22.61 9.66 0.31
C HIS B 267 -21.96 10.73 -0.56
N ASP B 268 -21.02 11.47 0.04
CA ASP B 268 -20.32 12.54 -0.66
C ASP B 268 -18.89 12.12 -0.93
N PRO B 269 -18.57 11.58 -2.12
CA PRO B 269 -17.19 11.13 -2.39
C PRO B 269 -16.18 12.27 -2.45
N ILE B 270 -16.59 13.49 -2.77
CA ILE B 270 -15.65 14.62 -2.75
C ILE B 270 -15.24 14.92 -1.33
N HIS B 271 -16.21 15.06 -0.42
CA HIS B 271 -15.89 15.27 0.98
C HIS B 271 -15.07 14.13 1.57
N ASP B 272 -15.15 12.94 0.97
CA ASP B 272 -14.42 11.78 1.47
C ASP B 272 -12.93 11.86 1.15
N GLN B 273 -12.57 12.58 0.08
CA GLN B 273 -11.16 12.81 -0.29
C GLN B 273 -10.42 11.50 -0.49
N SER B 274 -11.09 10.54 -1.11
CA SER B 274 -10.54 9.21 -1.33
C SER B 274 -10.30 8.90 -2.80
N TRP B 275 -10.67 9.79 -3.71
CA TRP B 275 -10.59 9.52 -5.14
C TRP B 275 -9.52 10.38 -5.80
N TYR B 276 -8.83 9.79 -6.77
CA TYR B 276 -8.03 10.53 -7.74
C TYR B 276 -8.55 10.19 -9.12
N LEU B 277 -8.91 11.21 -9.90
CA LEU B 277 -9.50 10.99 -11.22
C LEU B 277 -8.37 10.74 -12.21
N ASP B 278 -8.14 9.47 -12.54
CA ASP B 278 -7.13 9.10 -13.52
C ASP B 278 -7.70 9.27 -14.94
N GLN B 279 -6.90 8.87 -15.93
CA GLN B 279 -7.32 9.05 -17.32
C GLN B 279 -8.69 8.45 -17.57
N THR B 280 -8.94 7.24 -17.03
CA THR B 280 -10.20 6.55 -17.30
C THR B 280 -11.38 7.31 -16.71
N LEU B 281 -11.25 7.77 -15.47
CA LEU B 281 -12.35 8.49 -14.84
C LEU B 281 -12.56 9.87 -15.44
N ARG B 282 -11.49 10.54 -15.87
CA ARG B 282 -11.65 11.84 -16.50
C ARG B 282 -12.35 11.70 -17.84
N LYS B 283 -11.89 10.77 -18.68
CA LYS B 283 -12.56 10.52 -19.95
C LYS B 283 -14.03 10.18 -19.73
N ARG B 284 -14.31 9.29 -18.77
CA ARG B 284 -15.69 8.93 -18.48
C ARG B 284 -16.47 10.11 -17.90
N LEU B 285 -15.81 10.96 -17.10
CA LEU B 285 -16.48 12.14 -16.55
C LEU B 285 -16.95 13.06 -17.67
N TYR B 286 -16.18 13.17 -18.74
CA TYR B 286 -16.56 14.05 -19.84
C TYR B 286 -17.61 13.39 -20.74
N GLU B 287 -17.49 12.09 -20.98
CA GLU B 287 -18.42 11.41 -21.89
C GLU B 287 -19.82 11.32 -21.31
N GLU B 288 -19.94 10.96 -20.03
CA GLU B 288 -21.24 10.68 -19.45
C GLU B 288 -21.88 11.88 -18.75
N TYR B 289 -21.11 12.93 -18.45
CA TYR B 289 -21.64 14.11 -17.78
C TYR B 289 -21.22 15.42 -18.42
N GLY B 290 -20.41 15.39 -19.48
CA GLY B 290 -20.02 16.62 -20.16
C GLY B 290 -19.22 17.57 -19.32
N VAL B 291 -18.52 17.07 -18.31
CA VAL B 291 -17.69 17.90 -17.43
C VAL B 291 -16.24 17.75 -17.85
N GLN B 292 -15.63 18.85 -18.29
CA GLN B 292 -14.20 18.94 -18.44
C GLN B 292 -13.68 20.02 -17.50
N GLY B 293 -12.57 19.74 -16.84
CA GLY B 293 -11.96 20.69 -15.94
C GLY B 293 -10.83 21.45 -16.61
N TRP B 294 -9.86 21.85 -15.81
CA TRP B 294 -8.63 22.49 -16.29
C TRP B 294 -7.45 21.62 -15.88
N ALA B 295 -6.74 21.09 -16.88
CA ALA B 295 -5.50 20.37 -16.65
C ALA B 295 -4.38 21.39 -16.63
N ILE B 296 -3.76 21.58 -15.45
CA ILE B 296 -2.80 22.66 -15.23
C ILE B 296 -1.49 22.05 -14.76
N VAL B 297 -0.40 22.42 -15.45
CA VAL B 297 0.94 22.08 -15.01
C VAL B 297 1.50 23.27 -14.26
N GLN B 298 1.80 23.06 -12.98
CA GLN B 298 2.32 24.10 -12.10
C GLN B 298 3.85 24.06 -12.15
N PHE B 299 4.46 25.10 -12.73
CA PHE B 299 5.90 25.22 -12.80
C PHE B 299 6.45 25.96 -11.58
N LEU B 300 7.77 25.99 -11.48
CA LEU B 300 8.42 26.75 -10.42
C LEU B 300 7.98 28.22 -10.47
N GLY B 301 7.51 28.73 -9.33
CA GLY B 301 7.06 30.11 -9.24
C GLY B 301 5.63 30.35 -9.66
N ASP B 302 4.94 29.32 -10.14
CA ASP B 302 3.54 29.45 -10.53
C ASP B 302 2.65 29.47 -9.29
N ALA B 303 1.75 30.43 -9.24
CA ALA B 303 0.74 30.54 -8.20
C ALA B 303 -0.61 30.16 -8.81
N VAL B 304 -1.24 29.14 -8.25
CA VAL B 304 -2.52 28.65 -8.73
C VAL B 304 -3.60 29.18 -7.80
N PHE B 305 -4.57 29.88 -8.38
CA PHE B 305 -5.72 30.40 -7.64
C PHE B 305 -6.89 29.44 -7.82
N ILE B 306 -7.42 28.95 -6.71
CA ILE B 306 -8.47 27.94 -6.70
C ILE B 306 -9.73 28.57 -6.13
N PRO B 307 -10.80 28.70 -6.90
CA PRO B 307 -12.05 29.24 -6.35
C PRO B 307 -12.65 28.32 -5.30
N ALA B 308 -13.29 28.94 -4.30
CA ALA B 308 -13.98 28.19 -3.27
C ALA B 308 -14.99 27.23 -3.89
N GLY B 309 -15.03 26.00 -3.36
CA GLY B 309 -15.96 25.00 -3.82
C GLY B 309 -15.53 24.25 -5.07
N ALA B 310 -14.44 24.64 -5.69
CA ALA B 310 -14.01 23.99 -6.93
C ALA B 310 -13.27 22.71 -6.60
N PRO B 311 -13.76 21.53 -7.00
CA PRO B 311 -13.01 20.30 -6.74
C PRO B 311 -11.68 20.31 -7.48
N HIS B 312 -10.66 19.74 -6.84
CA HIS B 312 -9.34 19.77 -7.45
C HIS B 312 -8.47 18.67 -6.86
N GLN B 313 -7.48 18.26 -7.64
CA GLN B 313 -6.54 17.22 -7.24
C GLN B 313 -5.16 17.61 -7.75
N VAL B 314 -4.14 17.02 -7.13
CA VAL B 314 -2.75 17.36 -7.41
C VAL B 314 -1.93 16.09 -7.55
N HIS B 315 -1.06 16.06 -8.55
CA HIS B 315 -0.19 14.92 -8.84
C HIS B 315 1.23 15.45 -9.03
N ASN B 316 2.09 15.24 -8.03
CA ASN B 316 3.46 15.73 -8.13
C ASN B 316 4.23 14.96 -9.21
N LEU B 317 4.83 15.71 -10.13
CA LEU B 317 5.69 15.14 -11.15
C LEU B 317 7.12 14.96 -10.64
N TYR B 318 7.61 15.93 -9.87
CA TYR B 318 8.88 15.83 -9.17
C TYR B 318 8.65 16.20 -7.71
N SER B 319 9.71 16.12 -6.91
CA SER B 319 9.60 16.54 -5.52
C SER B 319 9.42 18.05 -5.47
N CYS B 320 8.34 18.49 -4.82
CA CYS B 320 7.94 19.89 -4.80
C CYS B 320 7.82 20.43 -3.39
N ILE B 321 8.14 21.71 -3.23
CA ILE B 321 7.77 22.49 -2.06
C ILE B 321 6.74 23.53 -2.50
N LYS B 322 5.60 23.55 -1.83
CA LYS B 322 4.55 24.52 -2.12
C LYS B 322 4.13 25.19 -0.83
N VAL B 323 3.60 26.40 -0.96
CA VAL B 323 2.98 27.10 0.17
C VAL B 323 1.66 27.67 -0.30
N ALA B 324 0.64 27.56 0.55
CA ALA B 324 -0.70 27.97 0.21
C ALA B 324 -1.26 28.90 1.29
N GLU B 325 -2.19 29.76 0.88
CA GLU B 325 -2.87 30.70 1.78
C GLU B 325 -4.34 30.78 1.39
N ASP B 326 -5.20 30.74 2.40
CA ASP B 326 -6.63 30.92 2.21
C ASP B 326 -7.01 32.39 2.28
N PHE B 327 -8.09 32.76 1.58
CA PHE B 327 -8.64 34.10 1.62
C PHE B 327 -10.10 34.03 1.17
N VAL B 328 -10.80 35.16 1.28
CA VAL B 328 -12.21 35.25 0.87
C VAL B 328 -12.38 36.48 -0.01
N SER B 329 -12.66 36.27 -1.26
CA SER B 329 -12.92 37.37 -2.17
C SER B 329 -14.40 37.73 -2.17
N PRO B 330 -14.74 38.98 -2.46
CA PRO B 330 -16.17 39.36 -2.50
C PRO B 330 -16.97 38.58 -3.52
N GLU B 331 -16.37 38.29 -4.68
CA GLU B 331 -17.07 37.58 -5.74
C GLU B 331 -17.64 36.24 -5.26
N HIS B 332 -16.97 35.59 -4.30
CA HIS B 332 -17.34 34.24 -3.90
C HIS B 332 -17.89 34.17 -2.48
N VAL B 333 -18.32 35.31 -1.93
CA VAL B 333 -18.76 35.32 -0.53
C VAL B 333 -19.98 34.42 -0.34
N LYS B 334 -20.86 34.38 -1.34
CA LYS B 334 -22.04 33.52 -1.24
C LYS B 334 -21.65 32.05 -1.19
N HIS B 335 -20.73 31.62 -2.06
CA HIS B 335 -20.25 30.24 -2.04
C HIS B 335 -19.68 29.88 -0.68
N CYS B 336 -18.82 30.75 -0.13
CA CYS B 336 -18.19 30.48 1.15
C CYS B 336 -19.22 30.24 2.24
N PHE B 337 -20.32 30.99 2.23
CA PHE B 337 -21.37 30.75 3.21
C PHE B 337 -21.99 29.38 3.03
N ARG B 338 -22.43 29.07 1.81
CA ARG B 338 -23.07 27.77 1.55
C ARG B 338 -22.10 26.64 1.84
N LEU B 339 -20.84 26.77 1.40
CA LEU B 339 -19.87 25.70 1.63
C LEU B 339 -19.61 25.48 3.11
N THR B 340 -19.48 26.58 3.87
CA THR B 340 -19.30 26.44 5.32
C THR B 340 -20.50 25.75 5.95
N GLN B 341 -21.70 26.07 5.50
CA GLN B 341 -22.90 25.42 5.99
C GLN B 341 -22.88 23.92 5.68
N GLU B 342 -22.54 23.58 4.43
CA GLU B 342 -22.49 22.18 4.03
C GLU B 342 -21.40 21.43 4.80
N PHE B 343 -20.26 22.09 5.03
CA PHE B 343 -19.18 21.42 5.76
C PHE B 343 -19.61 21.07 7.18
N ARG B 344 -20.17 22.05 7.90
CA ARG B 344 -20.65 21.79 9.25
C ARG B 344 -21.68 20.66 9.27
N HIS B 345 -22.52 20.59 8.23
CA HIS B 345 -23.54 19.55 8.17
C HIS B 345 -22.93 18.19 7.92
N LEU B 346 -21.96 18.10 7.00
CA LEU B 346 -21.30 16.83 6.72
C LEU B 346 -20.43 16.36 7.89
N SER B 347 -20.23 17.19 8.91
CA SER B 347 -19.53 16.78 10.12
C SER B 347 -20.50 16.40 11.24
N ASN B 348 -21.75 16.09 10.90
CA ASN B 348 -22.77 15.70 11.87
C ASN B 348 -22.80 16.66 13.05
#